data_4P3D
#
_entry.id   4P3D
#
_cell.length_a   52.898
_cell.length_b   96.226
_cell.length_c   81.521
_cell.angle_alpha   90.000
_cell.angle_beta   92.360
_cell.angle_gamma   90.000
#
_symmetry.space_group_name_H-M   'P 1 21 1'
#
loop_
_entity.id
_entity.type
_entity.pdbx_description
1 polymer 'Heavy Chain Fab fragment of antibody LEM-2/15'
2 polymer 'Light Chain Fab fragment of antibody LEM-2/15'
3 polymer 'Matrix metalloproteinase-14'
4 non-polymer 'CHLORIDE ION'
5 non-polymer GLYCEROL
6 non-polymer '4-(2-HYDROXYETHYL)-1-PIPERAZINE ETHANESULFONIC ACID'
7 non-polymer 1,2-ETHANEDIOL
8 non-polymer 'MAGNESIUM ION'
9 water water
#
loop_
_entity_poly.entity_id
_entity_poly.type
_entity_poly.pdbx_seq_one_letter_code
_entity_poly.pdbx_strand_id
1 'polypeptide(L)'
;EVKLVESGGGLVKPGGSLKLSCAASGFIFSNYAMSWVRQTPEKRLEWVATISGGGRNIYSLDSVKGRFTFFRDNARNTLY
LQMSSLRSEDTAMYFCSRENYGSSFTYWGQGTLVTVSSAKTTPPSVYPLAPGSAAQTNSMVTLGCLVKGYFPEPVTVTWN
SGSLSSGVHTFPAVLQSDLYTLSSSVTVPSSTWPSETVTCNVAHPASSTKVDKKIVPR
;
A,H
2 'polypeptide(L)'
;DVLMTQTPLSLPVGLGDQASISCRSSQSIVHSNGNTYLEWYLQKPGQSPKLLIYKVSNRFSGVPDRFSGSGSGTDFTLKI
SRVEAEDLGVYYCFQGSHAPYTFGGGTKLEIKRAADAAPTVSIFPPSSEQLTSGGASVVCFLNNFYPKDINVKWKIDGSE
RQNGVLNSWTDQDSKDSTYSMSSTLTLTKDEYERHNSYTCEATHKTSTSPIVKSFNRN
;
B,L
3 'polypeptide(L)' FDSAEPWTVRNED C,M
#
# COMPACT_ATOMS: atom_id res chain seq x y z
N GLU A 1 -11.92 13.04 4.07
CA GLU A 1 -12.93 13.82 4.78
C GLU A 1 -13.83 12.95 5.65
N VAL A 2 -14.76 12.22 5.02
CA VAL A 2 -15.63 11.27 5.75
C VAL A 2 -14.80 10.12 6.30
N LYS A 3 -14.88 9.87 7.61
CA LYS A 3 -14.10 8.79 8.20
CA LYS A 3 -14.08 8.81 8.22
C LYS A 3 -14.92 8.03 9.23
N LEU A 4 -14.79 6.71 9.19
CA LEU A 4 -15.51 5.84 10.11
C LEU A 4 -14.50 4.85 10.64
N VAL A 5 -14.41 4.72 11.97
CA VAL A 5 -13.43 3.81 12.55
C VAL A 5 -14.03 2.93 13.66
N GLU A 6 -14.13 1.63 13.39
CA GLU A 6 -14.71 0.68 14.32
C GLU A 6 -13.66 0.25 15.33
N SER A 7 -14.11 -0.16 16.51
CA SER A 7 -13.20 -0.74 17.51
C SER A 7 -13.99 -1.65 18.46
N GLY A 8 -13.27 -2.40 19.29
CA GLY A 8 -13.85 -3.22 20.34
C GLY A 8 -13.81 -4.72 20.05
N GLY A 9 -13.41 -5.07 18.84
CA GLY A 9 -13.41 -6.47 18.42
C GLY A 9 -12.43 -7.32 19.19
N GLY A 10 -12.73 -8.60 19.32
CA GLY A 10 -11.83 -9.47 20.06
C GLY A 10 -12.37 -10.88 20.18
N LEU A 11 -11.68 -11.69 20.96
CA LEU A 11 -12.10 -13.06 21.21
C LEU A 11 -13.07 -13.09 22.37
N VAL A 12 -14.21 -13.73 22.19
N VAL A 12 -14.17 -13.80 22.22
CA VAL A 12 -15.17 -13.94 23.28
CA VAL A 12 -15.17 -13.93 23.27
C VAL A 12 -15.62 -15.39 23.27
C VAL A 12 -15.77 -15.34 23.26
N LYS A 13 -15.92 -15.93 24.44
CA LYS A 13 -16.45 -17.27 24.56
C LYS A 13 -17.92 -17.31 24.15
N PRO A 14 -18.36 -18.47 23.65
CA PRO A 14 -19.77 -18.65 23.33
C PRO A 14 -20.67 -18.24 24.49
N GLY A 15 -21.75 -17.53 24.19
CA GLY A 15 -22.67 -17.07 25.22
C GLY A 15 -22.22 -15.78 25.87
N GLY A 16 -21.04 -15.29 25.47
CA GLY A 16 -20.46 -14.09 26.04
C GLY A 16 -20.99 -12.77 25.47
N SER A 17 -20.42 -11.67 25.97
CA SER A 17 -20.85 -10.32 25.60
C SER A 17 -19.68 -9.48 25.12
N LEU A 18 -19.96 -8.51 24.26
CA LEU A 18 -18.92 -7.63 23.71
C LEU A 18 -19.58 -6.36 23.20
N LYS A 19 -18.94 -5.22 23.43
N LYS A 19 -18.97 -5.20 23.45
CA LYS A 19 -19.47 -3.95 22.92
CA LYS A 19 -19.52 -3.98 22.89
C LYS A 19 -18.61 -3.39 21.79
C LYS A 19 -18.61 -3.45 21.78
N LEU A 20 -19.20 -3.20 20.61
CA LEU A 20 -18.46 -2.59 19.50
C LEU A 20 -18.77 -1.10 19.45
N SER A 21 -17.79 -0.31 19.01
CA SER A 21 -17.97 1.12 18.76
C SER A 21 -17.60 1.47 17.33
N CYS A 22 -18.14 2.58 16.85
CA CYS A 22 -17.78 3.08 15.54
C CYS A 22 -17.71 4.61 15.66
N ALA A 23 -16.52 5.19 15.52
CA ALA A 23 -16.35 6.65 15.59
C ALA A 23 -16.48 7.30 14.22
N ALA A 24 -17.28 8.37 14.13
CA ALA A 24 -17.48 9.09 12.87
C ALA A 24 -16.93 10.52 12.91
N SER A 25 -16.38 10.97 11.77
CA SER A 25 -15.94 12.34 11.57
C SER A 25 -16.14 12.76 10.11
N GLY A 26 -16.21 14.05 9.88
CA GLY A 26 -16.22 14.56 8.51
C GLY A 26 -17.61 14.82 7.94
N PHE A 27 -18.64 14.66 8.76
CA PHE A 27 -20.02 14.96 8.38
C PHE A 27 -20.88 15.21 9.62
N ILE A 28 -22.08 15.77 9.43
CA ILE A 28 -23.01 15.95 10.52
C ILE A 28 -23.66 14.61 10.82
N PHE A 29 -23.22 14.00 11.92
CA PHE A 29 -23.49 12.60 12.24
C PHE A 29 -24.97 12.29 12.32
N SER A 30 -25.72 13.11 13.08
CA SER A 30 -27.14 12.86 13.28
C SER A 30 -28.01 13.08 12.02
N ASN A 31 -27.44 13.59 10.93
CA ASN A 31 -28.20 13.72 9.67
C ASN A 31 -28.29 12.40 8.88
N TYR A 32 -27.60 11.37 9.36
CA TYR A 32 -27.53 10.12 8.59
C TYR A 32 -27.79 8.86 9.39
N ALA A 33 -28.57 7.96 8.78
CA ALA A 33 -28.65 6.60 9.28
C ALA A 33 -27.29 5.94 9.13
N MET A 34 -27.05 4.97 10.01
CA MET A 34 -25.84 4.14 10.06
C MET A 34 -26.24 2.69 10.03
N SER A 35 -25.41 1.84 9.41
CA SER A 35 -25.62 0.39 9.44
C SER A 35 -24.46 -0.39 10.02
N TRP A 36 -24.75 -1.58 10.55
CA TRP A 36 -23.72 -2.59 10.79
C TRP A 36 -23.85 -3.69 9.71
N VAL A 37 -22.73 -4.07 9.12
CA VAL A 37 -22.67 -5.15 8.13
C VAL A 37 -21.48 -6.03 8.52
N ARG A 38 -21.64 -7.36 8.49
CA ARG A 38 -20.55 -8.21 8.92
C ARG A 38 -20.07 -9.12 7.78
N GLN A 39 -18.80 -9.47 7.81
CA GLN A 39 -18.24 -10.35 6.79
C GLN A 39 -17.77 -11.64 7.44
N THR A 40 -18.32 -12.76 7.00
CA THR A 40 -18.06 -14.03 7.65
C THR A 40 -16.70 -14.58 7.22
N PRO A 41 -16.19 -15.61 7.91
CA PRO A 41 -14.93 -16.21 7.47
C PRO A 41 -15.03 -16.81 6.06
N GLU A 42 -16.25 -17.16 5.62
CA GLU A 42 -16.46 -17.63 4.26
C GLU A 42 -16.49 -16.48 3.23
N LYS A 43 -16.25 -15.26 3.73
CA LYS A 43 -16.25 -14.01 2.94
C LYS A 43 -17.65 -13.55 2.48
N ARG A 44 -18.71 -14.13 3.01
CA ARG A 44 -20.05 -13.65 2.68
C ARG A 44 -20.37 -12.37 3.44
N LEU A 45 -21.04 -11.42 2.80
CA LEU A 45 -21.49 -10.22 3.50
C LEU A 45 -22.93 -10.37 4.03
N GLU A 46 -23.15 -9.91 5.27
N GLU A 46 -23.16 -9.95 5.27
CA GLU A 46 -24.46 -10.02 5.92
CA GLU A 46 -24.50 -10.01 5.83
C GLU A 46 -24.83 -8.69 6.57
C GLU A 46 -24.84 -8.72 6.55
N TRP A 47 -25.93 -8.10 6.12
CA TRP A 47 -26.48 -6.92 6.79
C TRP A 47 -26.96 -7.31 8.20
N VAL A 48 -26.66 -6.49 9.20
CA VAL A 48 -27.05 -6.83 10.56
C VAL A 48 -28.14 -5.89 11.07
N ALA A 49 -27.93 -4.58 10.86
CA ALA A 49 -28.90 -3.59 11.31
C ALA A 49 -28.69 -2.24 10.65
N THR A 50 -29.74 -1.43 10.68
CA THR A 50 -29.66 -0.02 10.28
C THR A 50 -30.42 0.78 11.32
N ILE A 51 -29.85 1.91 11.76
CA ILE A 51 -30.45 2.73 12.78
C ILE A 51 -30.54 4.15 12.24
N SER A 52 -31.65 4.81 12.54
CA SER A 52 -31.93 6.13 12.00
C SER A 52 -31.00 7.18 12.58
N GLY A 53 -30.92 8.32 11.89
CA GLY A 53 -30.17 9.49 12.31
C GLY A 53 -30.42 9.85 13.75
N GLY A 54 -31.68 9.88 14.15
CA GLY A 54 -32.04 10.22 15.52
C GLY A 54 -31.88 9.10 16.53
N GLY A 55 -31.69 7.87 16.05
CA GLY A 55 -31.42 6.72 16.90
C GLY A 55 -32.61 5.97 17.48
N ARG A 56 -33.82 6.31 17.05
N ARG A 56 -33.82 6.34 17.08
CA ARG A 56 -35.01 5.71 17.66
CA ARG A 56 -35.02 5.72 17.65
C ARG A 56 -35.77 4.75 16.74
C ARG A 56 -35.57 4.58 16.79
N ASN A 57 -35.34 4.64 15.49
CA ASN A 57 -35.89 3.63 14.58
C ASN A 57 -34.79 2.65 14.14
N ILE A 58 -35.08 1.35 14.26
CA ILE A 58 -34.10 0.31 13.95
C ILE A 58 -34.73 -0.84 13.18
N TYR A 59 -34.07 -1.26 12.11
CA TYR A 59 -34.31 -2.55 11.48
C TYR A 59 -33.13 -3.45 11.83
N SER A 60 -33.38 -4.74 12.06
CA SER A 60 -32.26 -5.67 12.31
C SER A 60 -32.61 -7.09 11.86
N LEU A 61 -31.59 -7.89 11.61
CA LEU A 61 -31.76 -9.34 11.38
C LEU A 61 -32.55 -10.00 12.50
N ASP A 62 -33.55 -10.81 12.16
CA ASP A 62 -34.31 -11.49 13.20
C ASP A 62 -33.42 -12.36 14.07
N SER A 63 -32.38 -12.95 13.48
CA SER A 63 -31.52 -13.88 14.22
C SER A 63 -30.61 -13.21 15.26
N VAL A 64 -30.60 -11.88 15.31
CA VAL A 64 -29.84 -11.18 16.36
C VAL A 64 -30.75 -10.48 17.36
N LYS A 65 -32.06 -10.42 17.07
CA LYS A 65 -33.02 -9.80 17.99
C LYS A 65 -33.01 -10.53 19.35
N GLY A 66 -33.07 -9.78 20.44
CA GLY A 66 -32.95 -10.38 21.75
C GLY A 66 -31.52 -10.72 22.15
N ARG A 67 -30.59 -10.59 21.20
CA ARG A 67 -29.17 -10.80 21.49
C ARG A 67 -28.35 -9.52 21.32
N PHE A 68 -28.53 -8.85 20.19
CA PHE A 68 -27.77 -7.63 19.90
C PHE A 68 -28.65 -6.42 20.12
N THR A 69 -28.08 -5.32 20.62
CA THR A 69 -28.80 -4.05 20.60
C THR A 69 -27.95 -2.98 19.94
N PHE A 70 -28.61 -2.01 19.33
CA PHE A 70 -27.98 -1.00 18.51
C PHE A 70 -28.39 0.38 19.05
N PHE A 71 -27.43 1.26 19.24
CA PHE A 71 -27.74 2.62 19.70
C PHE A 71 -26.62 3.55 19.27
N ARG A 72 -26.89 4.85 19.31
CA ARG A 72 -25.86 5.82 18.93
C ARG A 72 -25.89 6.95 19.93
N ASP A 73 -24.76 7.62 20.07
CA ASP A 73 -24.66 8.83 20.89
C ASP A 73 -24.35 10.00 19.95
N ASN A 74 -25.38 10.76 19.59
CA ASN A 74 -25.22 11.80 18.60
C ASN A 74 -24.39 12.99 19.11
N ALA A 75 -24.30 13.15 20.42
CA ALA A 75 -23.48 14.23 20.95
C ALA A 75 -22.00 13.85 20.94
N ARG A 76 -21.72 12.57 20.75
CA ARG A 76 -20.33 12.10 20.74
C ARG A 76 -19.91 11.50 19.39
N ASN A 77 -20.76 11.63 18.36
CA ASN A 77 -20.44 11.12 17.04
C ASN A 77 -20.03 9.63 17.06
N THR A 78 -20.76 8.83 17.83
CA THR A 78 -20.39 7.43 17.97
C THR A 78 -21.61 6.50 17.81
N LEU A 79 -21.36 5.39 17.12
CA LEU A 79 -22.35 4.33 16.92
C LEU A 79 -21.93 3.09 17.71
N TYR A 80 -22.90 2.38 18.27
CA TYR A 80 -22.58 1.25 19.12
C TYR A 80 -23.30 -0.02 18.70
N LEU A 81 -22.66 -1.16 18.99
CA LEU A 81 -23.30 -2.48 18.84
C LEU A 81 -23.01 -3.30 20.11
N GLN A 82 -24.03 -3.45 20.95
CA GLN A 82 -23.91 -4.25 22.15
C GLN A 82 -24.28 -5.71 21.84
N MET A 83 -23.29 -6.58 21.94
CA MET A 83 -23.54 -7.99 21.70
C MET A 83 -23.67 -8.73 23.01
N SER A 84 -24.61 -9.68 23.05
CA SER A 84 -24.72 -10.61 24.17
C SER A 84 -25.17 -11.96 23.62
N SER A 85 -25.08 -13.01 24.45
N SER A 85 -25.09 -13.01 24.44
CA SER A 85 -25.42 -14.37 24.05
CA SER A 85 -25.41 -14.37 24.04
C SER A 85 -24.76 -14.75 22.70
C SER A 85 -24.76 -14.75 22.70
N LEU A 86 -23.47 -14.48 22.57
CA LEU A 86 -22.77 -14.68 21.32
C LEU A 86 -22.66 -16.14 20.86
N ARG A 87 -22.76 -16.36 19.55
N ARG A 87 -22.76 -16.34 19.54
CA ARG A 87 -22.69 -17.70 18.97
CA ARG A 87 -22.71 -17.67 18.92
C ARG A 87 -21.57 -17.76 17.94
C ARG A 87 -21.53 -17.74 17.95
N SER A 88 -21.17 -18.96 17.55
CA SER A 88 -20.11 -19.15 16.56
C SER A 88 -20.48 -18.50 15.25
N GLU A 89 -21.76 -18.48 14.93
CA GLU A 89 -22.23 -17.89 13.67
C GLU A 89 -21.99 -16.38 13.64
N ASP A 90 -21.74 -15.79 14.81
CA ASP A 90 -21.49 -14.36 14.90
C ASP A 90 -20.04 -13.98 14.60
N THR A 91 -19.16 -14.97 14.49
CA THR A 91 -17.75 -14.74 14.17
C THR A 91 -17.65 -14.09 12.78
N ALA A 92 -17.08 -12.88 12.73
CA ALA A 92 -17.07 -12.08 11.51
C ALA A 92 -16.31 -10.78 11.72
N MET A 93 -15.94 -10.15 10.61
CA MET A 93 -15.47 -8.77 10.61
C MET A 93 -16.71 -7.85 10.58
N TYR A 94 -16.82 -6.98 11.59
CA TYR A 94 -17.95 -6.06 11.65
C TYR A 94 -17.58 -4.67 11.13
N PHE A 95 -18.33 -4.21 10.12
CA PHE A 95 -18.17 -2.90 9.50
C PHE A 95 -19.29 -1.96 9.91
N CYS A 96 -18.97 -0.69 10.14
CA CYS A 96 -20.06 0.27 10.22
C CYS A 96 -20.05 1.04 8.91
N SER A 97 -21.22 1.56 8.51
CA SER A 97 -21.36 2.20 7.20
C SER A 97 -22.46 3.26 7.21
N ARG A 98 -22.18 4.42 6.59
CA ARG A 98 -23.11 5.54 6.56
C ARG A 98 -23.91 5.56 5.27
N GLU A 99 -25.21 5.86 5.35
CA GLU A 99 -26.06 5.98 4.15
C GLU A 99 -25.83 7.28 3.41
N ASN A 100 -26.48 7.42 2.26
CA ASN A 100 -26.57 8.69 1.54
C ASN A 100 -27.83 8.65 0.65
N TYR A 101 -28.24 9.79 0.10
CA TYR A 101 -29.38 9.85 -0.81
C TYR A 101 -29.21 8.80 -1.88
N GLY A 102 -30.17 7.89 -2.01
CA GLY A 102 -30.09 6.85 -3.02
C GLY A 102 -29.34 5.56 -2.70
N SER A 103 -28.44 5.56 -1.71
CA SER A 103 -27.63 4.36 -1.48
C SER A 103 -27.47 3.95 -0.03
N SER A 104 -27.46 2.63 0.21
CA SER A 104 -27.48 2.11 1.59
C SER A 104 -26.15 2.21 2.35
N PHE A 105 -25.07 1.77 1.71
CA PHE A 105 -23.76 1.66 2.35
C PHE A 105 -22.73 2.50 1.58
N THR A 106 -22.84 3.83 1.72
CA THR A 106 -22.01 4.76 0.94
C THR A 106 -20.55 4.92 1.43
N TYR A 107 -20.34 4.90 2.74
CA TYR A 107 -19.00 5.01 3.30
C TYR A 107 -18.85 3.89 4.29
N TRP A 108 -17.71 3.20 4.27
CA TRP A 108 -17.47 2.04 5.16
C TRP A 108 -16.26 2.31 6.05
N GLY A 109 -16.24 1.73 7.26
CA GLY A 109 -15.05 1.76 8.09
C GLY A 109 -14.10 0.64 7.67
N GLN A 110 -13.06 0.42 8.47
N GLN A 110 -13.08 0.42 8.49
N GLN A 110 -13.05 0.42 8.45
CA GLN A 110 -12.05 -0.58 8.17
CA GLN A 110 -12.03 -0.54 8.20
CA GLN A 110 -12.07 -0.61 8.11
C GLN A 110 -12.47 -1.96 8.67
C GLN A 110 -12.38 -1.93 8.77
C GLN A 110 -12.44 -1.97 8.71
N GLY A 111 -13.39 -1.97 9.63
CA GLY A 111 -13.83 -3.22 10.23
C GLY A 111 -13.21 -3.47 11.59
N THR A 112 -13.87 -4.26 12.44
CA THR A 112 -13.24 -4.75 13.67
C THR A 112 -13.62 -6.24 13.80
N LEU A 113 -12.65 -7.08 14.15
CA LEU A 113 -12.82 -8.54 14.08
C LEU A 113 -13.37 -9.13 15.38
N VAL A 114 -14.50 -9.83 15.28
CA VAL A 114 -15.04 -10.54 16.44
C VAL A 114 -14.93 -12.04 16.23
N THR A 115 -14.25 -12.71 17.16
CA THR A 115 -14.12 -14.17 17.13
C THR A 115 -14.84 -14.78 18.33
N VAL A 116 -15.80 -15.67 18.06
CA VAL A 116 -16.51 -16.38 19.11
C VAL A 116 -16.09 -17.85 19.15
N SER A 117 -15.42 -18.24 20.23
CA SER A 117 -14.77 -19.54 20.32
C SER A 117 -14.37 -19.82 21.77
N SER A 118 -14.37 -21.10 22.14
N SER A 118 -14.36 -21.10 22.15
CA SER A 118 -13.94 -21.49 23.48
CA SER A 118 -13.93 -21.46 23.49
C SER A 118 -12.41 -21.56 23.56
C SER A 118 -12.41 -21.56 23.56
N ALA A 119 -11.76 -21.59 22.40
CA ALA A 119 -10.30 -21.78 22.35
C ALA A 119 -9.56 -20.65 23.04
N LYS A 120 -8.41 -20.97 23.62
CA LYS A 120 -7.65 -20.02 24.42
C LYS A 120 -6.78 -19.12 23.56
N THR A 121 -6.61 -17.87 23.98
CA THR A 121 -5.67 -16.95 23.34
C THR A 121 -4.25 -17.50 23.45
N THR A 122 -3.51 -17.44 22.35
CA THR A 122 -2.19 -18.08 22.26
C THR A 122 -1.25 -17.26 21.42
N PRO A 123 -0.07 -16.90 21.96
CA PRO A 123 0.95 -16.14 21.24
C PRO A 123 1.66 -16.96 20.16
N PRO A 124 2.17 -16.32 19.10
CA PRO A 124 2.84 -17.13 18.08
C PRO A 124 4.28 -17.49 18.43
N SER A 125 4.76 -18.62 17.93
CA SER A 125 6.19 -18.85 17.86
C SER A 125 6.68 -18.32 16.52
N VAL A 126 7.75 -17.54 16.51
CA VAL A 126 8.27 -17.01 15.24
C VAL A 126 9.60 -17.64 14.89
N TYR A 127 9.65 -18.34 13.77
CA TYR A 127 10.86 -19.04 13.33
C TYR A 127 11.43 -18.45 12.05
N PRO A 128 12.74 -18.19 12.03
CA PRO A 128 13.46 -17.69 10.84
C PRO A 128 13.57 -18.76 9.75
N LEU A 129 13.41 -18.37 8.49
CA LEU A 129 13.59 -19.33 7.39
C LEU A 129 14.77 -18.90 6.54
N ALA A 130 15.87 -19.63 6.69
CA ALA A 130 17.08 -19.37 5.93
C ALA A 130 17.40 -20.58 5.06
N PRO A 131 17.96 -20.35 3.87
CA PRO A 131 18.26 -21.45 2.94
C PRO A 131 19.34 -22.39 3.46
N GLY A 132 19.30 -23.65 3.05
CA GLY A 132 20.29 -24.60 3.50
C GLY A 132 21.55 -24.56 2.65
N SER A 133 21.35 -24.44 1.35
CA SER A 133 22.43 -24.55 0.37
C SER A 133 22.06 -23.77 -0.88
N ALA A 134 22.81 -22.70 -1.14
CA ALA A 134 22.42 -21.71 -2.13
C ALA A 134 22.56 -22.19 -3.56
N ALA A 135 22.37 -21.25 -4.48
CA ALA A 135 22.84 -21.39 -5.85
C ALA A 135 23.67 -20.13 -6.15
N GLN A 136 24.99 -20.26 -5.99
CA GLN A 136 25.92 -19.12 -5.94
C GLN A 136 25.75 -18.08 -7.05
N THR A 137 25.08 -18.45 -8.14
CA THR A 137 24.91 -17.51 -9.25
C THR A 137 23.57 -16.79 -9.22
N ASN A 138 22.69 -17.16 -8.30
CA ASN A 138 21.42 -16.43 -8.15
C ASN A 138 21.66 -14.97 -7.77
N SER A 139 21.06 -14.03 -8.51
CA SER A 139 21.19 -12.63 -8.13
C SER A 139 20.32 -12.32 -6.92
N MET A 140 19.28 -13.13 -6.75
CA MET A 140 18.34 -12.95 -5.65
C MET A 140 18.42 -14.09 -4.63
N VAL A 141 18.09 -13.80 -3.38
CA VAL A 141 17.90 -14.87 -2.41
C VAL A 141 16.57 -14.66 -1.71
N THR A 142 15.87 -15.75 -1.42
CA THR A 142 14.60 -15.66 -0.74
C THR A 142 14.73 -16.14 0.70
N LEU A 143 14.18 -15.36 1.62
CA LEU A 143 14.17 -15.67 3.05
C LEU A 143 12.75 -15.68 3.54
N GLY A 144 12.52 -16.05 4.78
CA GLY A 144 11.17 -15.92 5.29
C GLY A 144 11.06 -16.07 6.78
N CYS A 145 9.81 -16.06 7.23
N CYS A 145 9.83 -15.99 7.30
CA CYS A 145 9.47 -16.31 8.62
CA CYS A 145 9.63 -16.47 8.65
C CYS A 145 8.23 -17.18 8.70
C CYS A 145 8.26 -17.12 8.79
N LEU A 146 8.24 -18.12 9.65
CA LEU A 146 7.10 -18.98 9.87
C LEU A 146 6.48 -18.53 11.18
N VAL A 147 5.20 -18.19 11.15
CA VAL A 147 4.55 -17.67 12.36
C VAL A 147 3.52 -18.70 12.76
N LYS A 148 3.86 -19.47 13.78
CA LYS A 148 3.16 -20.72 14.01
C LYS A 148 2.47 -20.80 15.36
N GLY A 149 1.24 -21.31 15.37
CA GLY A 149 0.58 -21.73 16.59
C GLY A 149 -0.02 -20.61 17.43
N TYR A 150 -0.70 -19.66 16.78
CA TYR A 150 -1.32 -18.55 17.51
C TYR A 150 -2.85 -18.57 17.41
N PHE A 151 -3.50 -17.83 18.31
CA PHE A 151 -4.95 -17.66 18.29
C PHE A 151 -5.32 -16.46 19.16
N PRO A 152 -6.30 -15.66 18.73
CA PRO A 152 -7.04 -15.64 17.47
C PRO A 152 -6.31 -14.85 16.39
N GLU A 153 -6.97 -14.65 15.26
CA GLU A 153 -6.51 -13.66 14.29
C GLU A 153 -6.75 -12.25 14.84
N PRO A 154 -6.04 -11.26 14.29
CA PRO A 154 -5.06 -11.30 13.20
C PRO A 154 -3.62 -11.21 13.67
N VAL A 155 -2.73 -11.34 12.70
CA VAL A 155 -1.30 -11.08 12.85
CA VAL A 155 -1.33 -10.96 12.89
C VAL A 155 -0.85 -10.17 11.70
N THR A 156 0.07 -9.25 11.96
N THR A 156 0.09 -9.27 11.95
CA THR A 156 0.67 -8.51 10.88
CA THR A 156 0.66 -8.51 10.85
C THR A 156 2.16 -8.81 10.81
C THR A 156 2.16 -8.73 10.82
N VAL A 157 2.71 -8.75 9.61
CA VAL A 157 4.12 -8.99 9.39
C VAL A 157 4.71 -7.86 8.57
N THR A 158 5.86 -7.35 9.01
CA THR A 158 6.66 -6.43 8.19
C THR A 158 8.09 -6.92 8.13
N TRP A 159 8.88 -6.34 7.23
CA TRP A 159 10.28 -6.73 7.10
C TRP A 159 11.15 -5.49 7.25
N ASN A 160 12.22 -5.61 8.03
CA ASN A 160 13.12 -4.49 8.33
C ASN A 160 12.33 -3.22 8.67
N SER A 161 11.36 -3.37 9.57
CA SER A 161 10.51 -2.26 10.04
C SER A 161 9.87 -1.50 8.91
N GLY A 162 9.51 -2.19 7.83
CA GLY A 162 8.86 -1.54 6.71
C GLY A 162 9.78 -1.09 5.58
N SER A 163 11.09 -1.16 5.79
CA SER A 163 12.05 -0.76 4.75
C SER A 163 11.92 -1.64 3.51
N LEU A 164 11.70 -2.94 3.73
CA LEU A 164 11.47 -3.88 2.63
C LEU A 164 9.97 -4.10 2.43
N SER A 165 9.48 -3.82 1.23
CA SER A 165 8.05 -3.94 0.95
C SER A 165 7.81 -4.56 -0.41
N SER A 166 8.66 -4.19 -1.36
CA SER A 166 8.52 -4.62 -2.74
C SER A 166 8.57 -6.15 -2.94
N GLY A 167 9.53 -6.82 -2.33
CA GLY A 167 9.72 -8.23 -2.62
C GLY A 167 9.07 -9.19 -1.64
N VAL A 168 7.97 -8.76 -1.02
CA VAL A 168 7.37 -9.53 0.05
C VAL A 168 6.13 -10.27 -0.43
N HIS A 169 5.97 -11.50 0.04
CA HIS A 169 4.72 -12.25 -0.06
C HIS A 169 4.31 -12.76 1.32
N THR A 170 3.20 -12.23 1.85
CA THR A 170 2.70 -12.69 3.14
C THR A 170 1.40 -13.45 2.94
N PHE A 171 1.36 -14.67 3.46
CA PHE A 171 0.30 -15.59 3.11
C PHE A 171 -0.82 -15.60 4.14
N PRO A 172 -2.05 -15.86 3.68
CA PRO A 172 -3.19 -15.97 4.60
C PRO A 172 -2.94 -17.06 5.62
N ALA A 173 -3.44 -16.88 6.84
CA ALA A 173 -3.26 -17.90 7.87
C ALA A 173 -4.08 -19.13 7.59
N VAL A 174 -3.59 -20.28 8.05
CA VAL A 174 -4.32 -21.52 8.01
C VAL A 174 -4.61 -22.03 9.43
N LEU A 175 -5.88 -22.36 9.69
CA LEU A 175 -6.32 -22.78 11.01
C LEU A 175 -6.33 -24.30 11.14
N GLN A 176 -5.52 -24.82 12.06
CA GLN A 176 -5.47 -26.26 12.32
C GLN A 176 -5.59 -26.53 13.81
N SER A 177 -6.65 -27.24 14.19
CA SER A 177 -6.91 -27.57 15.59
C SER A 177 -6.77 -26.34 16.50
N ASP A 178 -7.59 -25.33 16.24
CA ASP A 178 -7.67 -24.14 17.06
C ASP A 178 -6.37 -23.35 17.22
N LEU A 179 -5.44 -23.55 16.30
CA LEU A 179 -4.30 -22.66 16.21
C LEU A 179 -4.06 -22.25 14.75
N TYR A 180 -3.66 -21.00 14.55
CA TYR A 180 -3.35 -20.46 13.22
C TYR A 180 -1.88 -20.57 12.91
N THR A 181 -1.54 -20.71 11.63
CA THR A 181 -0.16 -20.60 11.17
C THR A 181 -0.11 -19.81 9.88
N LEU A 182 0.93 -19.00 9.74
CA LEU A 182 1.12 -18.12 8.59
C LEU A 182 2.59 -18.09 8.21
N SER A 183 2.87 -17.71 6.98
CA SER A 183 4.25 -17.53 6.59
C SER A 183 4.38 -16.30 5.72
N SER A 184 5.59 -15.76 5.66
CA SER A 184 5.86 -14.59 4.84
C SER A 184 7.25 -14.77 4.24
N SER A 185 7.38 -14.44 2.95
CA SER A 185 8.67 -14.53 2.30
C SER A 185 9.12 -13.15 1.86
N VAL A 186 10.44 -12.96 1.79
CA VAL A 186 11.00 -11.73 1.25
C VAL A 186 12.16 -12.10 0.33
N THR A 187 12.25 -11.44 -0.81
N THR A 187 12.24 -11.45 -0.82
CA THR A 187 13.34 -11.73 -1.73
CA THR A 187 13.32 -11.71 -1.74
C THR A 187 14.23 -10.52 -1.91
C THR A 187 14.22 -10.48 -1.82
N VAL A 188 15.52 -10.69 -1.63
CA VAL A 188 16.48 -9.59 -1.66
C VAL A 188 17.69 -9.94 -2.54
N PRO A 189 18.49 -8.94 -2.94
CA PRO A 189 19.69 -9.29 -3.69
C PRO A 189 20.62 -10.17 -2.86
N SER A 190 21.18 -11.20 -3.48
N SER A 190 21.18 -11.20 -3.49
CA SER A 190 22.02 -12.15 -2.74
CA SER A 190 22.05 -12.16 -2.78
C SER A 190 23.30 -11.51 -2.22
C SER A 190 23.27 -11.47 -2.19
N SER A 191 23.77 -10.46 -2.88
CA SER A 191 24.96 -9.74 -2.44
C SER A 191 24.71 -8.91 -1.19
N THR A 192 23.44 -8.74 -0.79
CA THR A 192 23.13 -7.92 0.38
C THR A 192 22.83 -8.73 1.64
N TRP A 193 22.80 -10.05 1.49
CA TRP A 193 22.59 -10.95 2.62
C TRP A 193 23.54 -12.13 2.49
N PRO A 194 24.22 -12.50 3.58
CA PRO A 194 24.00 -11.96 4.93
C PRO A 194 24.78 -10.71 5.27
N SER A 195 25.45 -10.11 4.30
CA SER A 195 26.24 -8.92 4.55
C SER A 195 25.42 -7.81 5.22
N GLU A 196 24.13 -7.75 4.95
CA GLU A 196 23.24 -6.76 5.58
C GLU A 196 22.06 -7.47 6.25
N THR A 197 21.50 -6.83 7.26
CA THR A 197 20.54 -7.46 8.16
C THR A 197 19.10 -7.53 7.62
N VAL A 198 18.50 -8.71 7.71
CA VAL A 198 17.09 -8.89 7.40
C VAL A 198 16.33 -9.47 8.58
N THR A 199 15.29 -8.74 8.99
CA THR A 199 14.51 -9.07 10.17
C THR A 199 13.02 -9.03 9.84
N CYS A 200 12.26 -10.03 10.28
CA CYS A 200 10.81 -9.94 10.16
C CYS A 200 10.28 -9.48 11.50
N ASN A 201 9.38 -8.51 11.43
CA ASN A 201 8.65 -7.97 12.57
C ASN A 201 7.22 -8.50 12.59
N VAL A 202 6.89 -9.22 13.65
CA VAL A 202 5.60 -9.89 13.74
C VAL A 202 4.79 -9.35 14.91
N ALA A 203 3.56 -8.96 14.64
CA ALA A 203 2.68 -8.45 15.68
C ALA A 203 1.43 -9.31 15.82
N HIS A 204 1.11 -9.69 17.06
CA HIS A 204 -0.12 -10.39 17.39
C HIS A 204 -0.85 -9.62 18.49
N PRO A 205 -1.64 -8.61 18.12
CA PRO A 205 -2.28 -7.78 19.14
C PRO A 205 -3.12 -8.54 20.19
N ALA A 206 -3.82 -9.60 19.80
CA ALA A 206 -4.74 -10.29 20.71
C ALA A 206 -4.05 -10.87 21.94
N SER A 207 -2.78 -11.23 21.78
CA SER A 207 -2.02 -11.79 22.89
C SER A 207 -1.02 -10.76 23.35
N SER A 208 -1.17 -9.55 22.84
CA SER A 208 -0.28 -8.43 23.14
C SER A 208 1.15 -8.87 22.93
N THR A 209 1.39 -9.49 21.77
CA THR A 209 2.72 -9.97 21.41
C THR A 209 3.30 -9.15 20.26
N LYS A 210 4.60 -8.84 20.37
CA LYS A 210 5.37 -8.15 19.33
C LYS A 210 6.79 -8.71 19.30
N VAL A 211 7.22 -9.27 18.16
CA VAL A 211 8.54 -9.92 18.09
C VAL A 211 9.32 -9.64 16.81
N ASP A 212 10.65 -9.58 16.95
CA ASP A 212 11.56 -9.48 15.81
C ASP A 212 12.48 -10.68 15.71
N LYS A 213 12.59 -11.25 14.52
CA LYS A 213 13.47 -12.39 14.31
C LYS A 213 14.45 -12.09 13.18
N LYS A 214 15.73 -12.00 13.51
CA LYS A 214 16.75 -11.77 12.51
C LYS A 214 17.02 -13.06 11.75
N ILE A 215 17.12 -12.99 10.44
CA ILE A 215 17.39 -14.17 9.64
C ILE A 215 18.89 -14.35 9.51
N VAL A 216 19.42 -15.40 10.14
CA VAL A 216 20.85 -15.64 10.10
C VAL A 216 21.17 -16.89 9.30
N PRO A 217 22.34 -16.90 8.65
CA PRO A 217 22.76 -18.07 7.87
C PRO A 217 22.90 -19.29 8.77
N ARG A 218 22.75 -20.49 8.22
CA ARG A 218 22.65 -21.70 9.03
C ARG A 218 24.00 -22.21 9.55
N ASP B 1 -38.01 -14.09 2.67
CA ASP B 1 -36.86 -13.23 2.47
C ASP B 1 -36.37 -13.30 1.03
N VAL B 2 -35.63 -12.28 0.60
CA VAL B 2 -35.17 -12.25 -0.78
C VAL B 2 -33.77 -12.87 -0.91
N LEU B 3 -33.66 -13.88 -1.76
CA LEU B 3 -32.39 -14.53 -2.00
C LEU B 3 -31.76 -13.88 -3.22
N MET B 4 -30.48 -13.55 -3.14
CA MET B 4 -29.78 -12.96 -4.27
C MET B 4 -28.80 -14.00 -4.80
N THR B 5 -28.97 -14.40 -6.06
CA THR B 5 -28.12 -15.41 -6.69
C THR B 5 -27.14 -14.75 -7.67
N GLN B 6 -25.85 -14.80 -7.35
CA GLN B 6 -24.82 -14.16 -8.18
C GLN B 6 -24.02 -15.17 -9.01
N THR B 7 -23.82 -14.86 -10.29
CA THR B 7 -23.02 -15.68 -11.20
C THR B 7 -22.24 -14.81 -12.19
N PRO B 8 -21.06 -15.29 -12.63
CA PRO B 8 -20.38 -16.52 -12.20
C PRO B 8 -19.74 -16.31 -10.83
N LEU B 9 -19.12 -17.33 -10.27
CA LEU B 9 -18.51 -17.21 -8.96
C LEU B 9 -17.17 -16.56 -9.13
N SER B 10 -16.55 -16.78 -10.28
CA SER B 10 -15.32 -16.07 -10.61
C SER B 10 -15.29 -15.81 -12.10
N LEU B 11 -14.49 -14.83 -12.50
CA LEU B 11 -14.51 -14.29 -13.85
C LEU B 11 -13.11 -13.83 -14.28
N PRO B 12 -12.38 -14.69 -15.00
CA PRO B 12 -11.06 -14.36 -15.55
C PRO B 12 -11.16 -13.59 -16.88
N VAL B 13 -10.63 -12.37 -16.90
N VAL B 13 -10.60 -12.37 -16.89
CA VAL B 13 -10.72 -11.55 -18.09
CA VAL B 13 -10.76 -11.45 -18.02
C VAL B 13 -9.37 -10.94 -18.43
C VAL B 13 -9.41 -10.83 -18.42
N GLY B 14 -9.09 -10.79 -19.72
CA GLY B 14 -7.89 -10.13 -20.15
C GLY B 14 -7.99 -8.63 -19.91
N LEU B 15 -6.87 -7.93 -19.75
CA LEU B 15 -6.92 -6.48 -19.60
C LEU B 15 -7.51 -5.88 -20.88
N GLY B 16 -8.40 -4.90 -20.73
CA GLY B 16 -8.97 -4.23 -21.88
C GLY B 16 -10.25 -4.90 -22.37
N ASP B 17 -10.54 -6.09 -21.83
CA ASP B 17 -11.73 -6.84 -22.24
C ASP B 17 -12.90 -6.49 -21.32
N GLN B 18 -14.09 -6.93 -21.70
CA GLN B 18 -15.30 -6.66 -20.94
C GLN B 18 -15.64 -7.75 -19.93
N ALA B 19 -16.16 -7.34 -18.78
CA ALA B 19 -16.67 -8.27 -17.79
C ALA B 19 -18.15 -7.98 -17.55
N SER B 20 -18.93 -9.06 -17.41
CA SER B 20 -20.36 -8.93 -17.16
C SER B 20 -20.75 -9.90 -16.02
N ILE B 21 -21.36 -9.36 -14.96
CA ILE B 21 -21.66 -10.13 -13.76
C ILE B 21 -23.16 -10.08 -13.52
N SER B 22 -23.75 -11.23 -13.23
CA SER B 22 -25.20 -11.33 -13.11
C SER B 22 -25.67 -11.52 -11.69
N CYS B 23 -26.84 -10.93 -11.41
CA CYS B 23 -27.47 -11.01 -10.11
C CYS B 23 -28.97 -11.24 -10.34
N ARG B 24 -29.52 -12.29 -9.74
CA ARG B 24 -30.96 -12.62 -9.86
C ARG B 24 -31.60 -12.57 -8.48
N SER B 25 -32.67 -11.79 -8.32
CA SER B 25 -33.40 -11.82 -7.04
C SER B 25 -34.47 -12.93 -7.08
N SER B 26 -34.78 -13.51 -5.93
CA SER B 26 -35.78 -14.59 -5.92
C SER B 26 -37.21 -14.04 -6.08
N GLN B 27 -37.38 -12.75 -5.81
CA GLN B 27 -38.65 -12.11 -6.06
C GLN B 27 -38.44 -10.64 -6.42
N SER B 28 -39.54 -9.92 -6.63
CA SER B 28 -39.47 -8.50 -6.92
C SER B 28 -38.78 -7.74 -5.77
N ILE B 29 -37.97 -6.75 -6.14
CA ILE B 29 -37.30 -5.94 -5.13
C ILE B 29 -37.58 -4.47 -5.41
N VAL B 30 -38.80 -4.17 -5.83
CA VAL B 30 -39.23 -2.77 -5.85
C VAL B 30 -39.62 -2.33 -4.43
N HIS B 31 -38.98 -1.28 -3.94
CA HIS B 31 -39.27 -0.70 -2.62
C HIS B 31 -40.67 -0.09 -2.60
N SER B 32 -41.25 0.05 -1.42
CA SER B 32 -42.59 0.62 -1.28
CA SER B 32 -42.60 0.61 -1.29
C SER B 32 -42.70 2.00 -1.93
N ASN B 33 -41.60 2.74 -1.99
CA ASN B 33 -41.66 4.08 -2.58
C ASN B 33 -41.49 4.08 -4.09
N GLY B 34 -41.35 2.88 -4.68
CA GLY B 34 -41.29 2.76 -6.13
C GLY B 34 -39.90 2.66 -6.73
N ASN B 35 -38.88 2.94 -5.92
CA ASN B 35 -37.49 2.75 -6.35
C ASN B 35 -37.01 1.32 -6.13
N THR B 36 -35.94 0.94 -6.84
CA THR B 36 -35.32 -0.37 -6.66
C THR B 36 -33.93 -0.16 -6.09
N TYR B 37 -33.75 -0.47 -4.80
CA TYR B 37 -32.44 -0.22 -4.19
C TYR B 37 -31.50 -1.39 -4.42
N LEU B 38 -31.13 -1.58 -5.70
CA LEU B 38 -30.15 -2.61 -6.08
C LEU B 38 -28.80 -1.92 -6.21
N GLU B 39 -27.84 -2.41 -5.43
CA GLU B 39 -26.52 -1.79 -5.40
C GLU B 39 -25.42 -2.81 -5.72
N TRP B 40 -24.32 -2.30 -6.22
CA TRP B 40 -23.13 -3.11 -6.46
C TRP B 40 -21.95 -2.58 -5.63
N TYR B 41 -21.22 -3.49 -4.98
CA TYR B 41 -20.02 -3.17 -4.19
C TYR B 41 -18.80 -3.91 -4.72
N LEU B 42 -17.62 -3.30 -4.55
CA LEU B 42 -16.35 -3.96 -4.90
C LEU B 42 -15.49 -4.00 -3.67
N GLN B 43 -14.97 -5.18 -3.34
CA GLN B 43 -13.97 -5.33 -2.28
C GLN B 43 -12.63 -5.69 -2.89
N LYS B 44 -11.69 -4.75 -2.88
CA LYS B 44 -10.34 -5.02 -3.38
C LYS B 44 -9.57 -5.79 -2.33
N PRO B 45 -8.55 -6.57 -2.75
CA PRO B 45 -7.79 -7.37 -1.78
C PRO B 45 -7.34 -6.53 -0.60
N GLY B 46 -7.59 -7.04 0.60
CA GLY B 46 -7.15 -6.37 1.81
C GLY B 46 -7.94 -5.14 2.27
N GLN B 47 -8.94 -4.72 1.49
CA GLN B 47 -9.68 -3.48 1.80
C GLN B 47 -11.15 -3.74 2.17
N SER B 48 -11.83 -2.70 2.67
CA SER B 48 -13.28 -2.77 2.91
C SER B 48 -14.04 -2.71 1.59
N PRO B 49 -15.28 -3.20 1.56
CA PRO B 49 -16.11 -3.02 0.37
C PRO B 49 -16.29 -1.54 0.05
N LYS B 50 -16.51 -1.20 -1.22
CA LYS B 50 -16.83 0.19 -1.56
C LYS B 50 -17.94 0.27 -2.60
N LEU B 51 -18.72 1.33 -2.53
CA LEU B 51 -19.92 1.46 -3.36
C LEU B 51 -19.56 1.79 -4.79
N LEU B 52 -20.15 1.09 -5.75
CA LEU B 52 -19.94 1.41 -7.15
C LEU B 52 -21.22 1.99 -7.76
N ILE B 53 -22.33 1.28 -7.57
CA ILE B 53 -23.57 1.52 -8.30
C ILE B 53 -24.73 1.51 -7.33
N TYR B 54 -25.63 2.49 -7.43
CA TYR B 54 -26.86 2.44 -6.62
C TYR B 54 -28.12 2.65 -7.45
N LYS B 55 -29.27 2.32 -6.86
CA LYS B 55 -30.55 2.26 -7.56
C LYS B 55 -30.41 1.73 -9.00
N VAL B 56 -29.85 0.52 -9.09
CA VAL B 56 -29.71 -0.29 -10.30
C VAL B 56 -28.64 0.20 -11.28
N SER B 57 -28.67 1.50 -11.62
CA SER B 57 -27.85 1.99 -12.73
C SER B 57 -27.10 3.30 -12.47
N ASN B 58 -27.15 3.78 -11.23
CA ASN B 58 -26.52 5.05 -10.92
C ASN B 58 -25.09 4.90 -10.39
N ARG B 59 -24.15 5.54 -11.07
CA ARG B 59 -22.76 5.49 -10.65
CA ARG B 59 -22.76 5.49 -10.68
C ARG B 59 -22.51 6.41 -9.48
N PHE B 60 -21.88 5.88 -8.44
CA PHE B 60 -21.52 6.71 -7.30
C PHE B 60 -20.40 7.65 -7.73
N SER B 61 -20.37 8.86 -7.17
CA SER B 61 -19.38 9.86 -7.58
C SER B 61 -17.97 9.32 -7.38
N GLY B 62 -17.10 9.58 -8.35
CA GLY B 62 -15.74 9.08 -8.30
C GLY B 62 -15.53 7.70 -8.88
N VAL B 63 -16.62 7.02 -9.24
CA VAL B 63 -16.53 5.70 -9.88
C VAL B 63 -16.38 5.87 -11.41
N PRO B 64 -15.38 5.23 -12.02
CA PRO B 64 -15.14 5.39 -13.47
C PRO B 64 -16.35 4.97 -14.30
N ASP B 65 -16.49 5.53 -15.49
CA ASP B 65 -17.70 5.25 -16.23
C ASP B 65 -17.58 3.92 -16.96
N ARG B 66 -16.43 3.27 -16.80
CA ARG B 66 -16.28 1.88 -17.26
C ARG B 66 -17.23 0.94 -16.54
N PHE B 67 -17.63 1.33 -15.34
CA PHE B 67 -18.59 0.51 -14.58
C PHE B 67 -20.02 0.98 -14.87
N SER B 68 -20.89 0.05 -15.28
CA SER B 68 -22.29 0.41 -15.44
C SER B 68 -23.20 -0.70 -14.95
N GLY B 69 -24.39 -0.32 -14.47
CA GLY B 69 -25.33 -1.29 -13.97
C GLY B 69 -26.61 -1.21 -14.77
N SER B 70 -27.29 -2.34 -14.94
CA SER B 70 -28.60 -2.32 -15.59
C SER B 70 -29.48 -3.43 -15.04
N GLY B 71 -30.73 -3.46 -15.46
CA GLY B 71 -31.62 -4.54 -15.08
C GLY B 71 -33.02 -4.12 -14.70
N SER B 72 -33.87 -5.11 -14.50
CA SER B 72 -35.24 -4.87 -14.07
C SER B 72 -35.86 -6.20 -13.68
N GLY B 73 -36.99 -6.14 -12.99
CA GLY B 73 -37.68 -7.35 -12.63
C GLY B 73 -36.84 -8.06 -11.60
N THR B 74 -36.30 -9.21 -11.97
CA THR B 74 -35.47 -9.96 -11.03
C THR B 74 -34.07 -10.20 -11.58
N ASP B 75 -33.74 -9.56 -12.70
CA ASP B 75 -32.44 -9.79 -13.35
C ASP B 75 -31.64 -8.48 -13.42
N PHE B 76 -30.44 -8.50 -12.85
CA PHE B 76 -29.57 -7.31 -12.82
C PHE B 76 -28.15 -7.66 -13.22
N THR B 77 -27.45 -6.68 -13.76
CA THR B 77 -26.17 -6.93 -14.38
C THR B 77 -25.20 -5.77 -14.17
N LEU B 78 -24.00 -6.11 -13.69
CA LEU B 78 -22.90 -5.17 -13.65
C LEU B 78 -21.96 -5.48 -14.79
N LYS B 79 -21.64 -4.45 -15.56
CA LYS B 79 -20.70 -4.55 -16.65
C LYS B 79 -19.45 -3.70 -16.40
N ILE B 80 -18.29 -4.26 -16.67
CA ILE B 80 -17.05 -3.47 -16.65
C ILE B 80 -16.55 -3.46 -18.08
N SER B 81 -16.56 -2.28 -18.71
N SER B 81 -16.45 -2.27 -18.66
CA SER B 81 -16.47 -2.18 -20.17
CA SER B 81 -15.83 -2.16 -19.96
C SER B 81 -15.11 -2.58 -20.75
C SER B 81 -14.33 -1.98 -19.78
N ARG B 82 -14.05 -2.08 -20.12
N ARG B 82 -13.56 -2.61 -20.67
CA ARG B 82 -12.71 -2.51 -20.43
CA ARG B 82 -12.11 -2.45 -20.75
C ARG B 82 -11.92 -2.54 -19.13
C ARG B 82 -11.41 -2.55 -19.38
N VAL B 83 -11.49 -3.74 -18.79
CA VAL B 83 -10.99 -4.02 -17.46
C VAL B 83 -9.55 -3.60 -17.25
N GLU B 84 -9.30 -3.02 -16.08
CA GLU B 84 -7.97 -2.58 -15.67
C GLU B 84 -7.54 -3.37 -14.44
N ALA B 85 -6.22 -3.47 -14.21
CA ALA B 85 -5.70 -4.28 -13.11
C ALA B 85 -6.21 -3.76 -11.76
N GLU B 86 -6.47 -2.46 -11.67
CA GLU B 86 -7.01 -1.87 -10.46
C GLU B 86 -8.43 -2.41 -10.16
N ASP B 87 -9.07 -3.07 -11.12
CA ASP B 87 -10.44 -3.57 -10.93
C ASP B 87 -10.49 -4.91 -10.17
N LEU B 88 -9.33 -5.47 -9.84
CA LEU B 88 -9.27 -6.78 -9.17
C LEU B 88 -10.01 -6.77 -7.84
N GLY B 89 -10.78 -7.80 -7.58
CA GLY B 89 -11.41 -7.96 -6.28
C GLY B 89 -12.67 -8.79 -6.42
N VAL B 90 -13.52 -8.70 -5.42
CA VAL B 90 -14.76 -9.45 -5.41
C VAL B 90 -15.89 -8.44 -5.50
N TYR B 91 -16.79 -8.66 -6.45
CA TYR B 91 -17.93 -7.79 -6.66
C TYR B 91 -19.12 -8.42 -6.00
N TYR B 92 -19.93 -7.63 -5.31
CA TYR B 92 -21.15 -8.11 -4.64
C TYR B 92 -22.37 -7.30 -5.07
N CYS B 93 -23.48 -7.97 -5.40
CA CYS B 93 -24.74 -7.25 -5.49
C CYS B 93 -25.47 -7.26 -4.13
N PHE B 94 -26.42 -6.35 -3.95
CA PHE B 94 -27.09 -6.13 -2.67
C PHE B 94 -28.47 -5.56 -2.94
N GLN B 95 -29.52 -6.10 -2.31
CA GLN B 95 -30.82 -5.42 -2.38
C GLN B 95 -31.18 -4.81 -1.04
N GLY B 96 -31.49 -3.52 -1.05
CA GLY B 96 -31.91 -2.82 0.15
C GLY B 96 -33.37 -2.42 0.12
N SER B 97 -34.19 -3.16 -0.64
CA SER B 97 -35.61 -2.82 -0.82
C SER B 97 -36.52 -3.46 0.23
N HIS B 98 -36.27 -4.74 0.51
CA HIS B 98 -37.07 -5.48 1.48
C HIS B 98 -36.20 -6.04 2.61
N ALA B 99 -36.51 -5.71 3.86
CA ALA B 99 -35.85 -6.31 5.03
C ALA B 99 -36.27 -7.77 5.23
N PRO B 100 -35.32 -8.66 5.57
CA PRO B 100 -33.90 -8.36 5.80
C PRO B 100 -33.19 -8.18 4.47
N TYR B 101 -32.29 -7.20 4.45
CA TYR B 101 -31.56 -6.89 3.25
C TYR B 101 -30.54 -7.99 3.04
N THR B 102 -30.25 -8.30 1.80
CA THR B 102 -29.41 -9.43 1.50
C THR B 102 -28.43 -9.12 0.39
N PHE B 103 -27.27 -9.75 0.49
CA PHE B 103 -26.18 -9.66 -0.49
C PHE B 103 -26.12 -10.89 -1.37
N GLY B 104 -25.69 -10.72 -2.61
CA GLY B 104 -25.34 -11.86 -3.44
C GLY B 104 -24.06 -12.46 -2.91
N GLY B 105 -23.71 -13.65 -3.39
CA GLY B 105 -22.58 -14.38 -2.85
C GLY B 105 -21.23 -13.90 -3.34
N GLY B 106 -21.23 -13.00 -4.32
CA GLY B 106 -19.98 -12.42 -4.81
C GLY B 106 -19.43 -13.09 -6.05
N THR B 107 -18.67 -12.31 -6.83
CA THR B 107 -17.99 -12.76 -8.01
C THR B 107 -16.55 -12.26 -7.95
N LYS B 108 -15.60 -13.18 -7.98
CA LYS B 108 -14.21 -12.77 -7.97
C LYS B 108 -13.69 -12.52 -9.40
N LEU B 109 -13.28 -11.29 -9.64
CA LEU B 109 -12.72 -10.90 -10.92
C LEU B 109 -11.21 -11.19 -10.92
N GLU B 110 -10.71 -11.91 -11.92
CA GLU B 110 -9.29 -12.23 -12.02
C GLU B 110 -8.79 -11.79 -13.36
N ILE B 111 -7.49 -11.51 -13.45
CA ILE B 111 -6.91 -11.13 -14.75
C ILE B 111 -6.30 -12.31 -15.48
N LYS B 112 -6.69 -12.46 -16.73
CA LYS B 112 -6.08 -13.43 -17.61
C LYS B 112 -4.79 -12.83 -18.15
N ARG B 113 -3.70 -13.10 -17.45
CA ARG B 113 -2.38 -12.52 -17.76
C ARG B 113 -1.95 -12.84 -19.18
N ALA B 114 -1.36 -11.86 -19.86
CA ALA B 114 -0.99 -12.02 -21.28
C ALA B 114 0.12 -13.07 -21.50
N ALA B 115 1.00 -13.21 -20.52
CA ALA B 115 2.09 -14.19 -20.60
C ALA B 115 2.11 -15.12 -19.38
N ASP B 116 2.57 -16.36 -19.57
CA ASP B 116 2.77 -17.28 -18.47
C ASP B 116 4.01 -16.98 -17.65
N ALA B 117 4.06 -17.54 -16.44
CA ALA B 117 5.21 -17.35 -15.56
C ALA B 117 5.44 -18.62 -14.70
N ALA B 118 6.64 -19.18 -14.75
CA ALA B 118 7.00 -20.34 -13.91
C ALA B 118 7.24 -19.90 -12.47
N PRO B 119 6.83 -20.72 -11.49
CA PRO B 119 7.03 -20.32 -10.10
C PRO B 119 8.50 -20.25 -9.75
N THR B 120 8.84 -19.34 -8.84
CA THR B 120 10.13 -19.36 -8.19
C THR B 120 10.00 -20.18 -6.92
N VAL B 121 10.72 -21.31 -6.84
CA VAL B 121 10.53 -22.25 -5.75
C VAL B 121 11.71 -22.25 -4.78
N SER B 122 11.42 -22.19 -3.48
CA SER B 122 12.44 -22.14 -2.42
C SER B 122 12.05 -23.09 -1.31
N ILE B 123 12.99 -23.91 -0.85
CA ILE B 123 12.69 -24.78 0.29
C ILE B 123 13.55 -24.38 1.50
N PHE B 124 12.99 -24.54 2.70
CA PHE B 124 13.68 -24.11 3.93
C PHE B 124 13.58 -25.19 5.00
N PRO B 125 14.71 -25.54 5.60
CA PRO B 125 14.80 -26.54 6.67
C PRO B 125 14.21 -25.97 7.96
N PRO B 126 13.89 -26.83 8.94
CA PRO B 126 13.49 -26.32 10.24
C PRO B 126 14.58 -25.46 10.85
N SER B 127 14.15 -24.42 11.56
CA SER B 127 15.07 -23.59 12.29
C SER B 127 15.56 -24.33 13.54
N SER B 128 16.75 -24.00 14.02
CA SER B 128 17.25 -24.59 15.24
C SER B 128 16.32 -24.22 16.39
N GLU B 129 15.79 -23.00 16.35
CA GLU B 129 14.82 -22.58 17.36
C GLU B 129 13.63 -23.53 17.45
N GLN B 130 13.05 -23.91 16.31
CA GLN B 130 11.89 -24.79 16.36
C GLN B 130 12.31 -26.16 16.87
N LEU B 131 13.47 -26.63 16.42
CA LEU B 131 13.96 -27.97 16.80
C LEU B 131 14.14 -28.09 18.31
N THR B 132 14.58 -27.00 18.93
N THR B 132 14.51 -27.00 18.98
CA THR B 132 14.68 -26.90 20.38
CA THR B 132 14.70 -27.06 20.43
C THR B 132 13.36 -27.24 21.08
C THR B 132 13.38 -26.92 21.19
N SER B 133 12.26 -26.82 20.46
CA SER B 133 10.94 -26.95 21.07
C SER B 133 10.33 -28.32 20.75
N GLY B 134 11.02 -29.14 19.98
CA GLY B 134 10.55 -30.50 19.72
C GLY B 134 9.86 -30.70 18.40
N GLY B 135 9.68 -29.62 17.64
CA GLY B 135 8.97 -29.69 16.37
C GLY B 135 9.88 -29.47 15.19
N ALA B 136 9.38 -29.75 13.99
CA ALA B 136 10.18 -29.52 12.77
C ALA B 136 9.28 -29.19 11.59
N SER B 137 9.32 -27.95 11.13
CA SER B 137 8.54 -27.60 9.95
C SER B 137 9.47 -27.38 8.80
N VAL B 138 9.09 -27.90 7.64
CA VAL B 138 9.83 -27.63 6.42
C VAL B 138 8.91 -26.78 5.55
N VAL B 139 9.42 -25.69 4.99
CA VAL B 139 8.54 -24.75 4.30
C VAL B 139 8.97 -24.62 2.85
N CYS B 140 7.98 -24.51 1.97
CA CYS B 140 8.25 -24.34 0.56
C CYS B 140 7.44 -23.14 0.04
N PHE B 141 8.13 -22.15 -0.56
CA PHE B 141 7.46 -21.04 -1.21
C PHE B 141 7.48 -21.27 -2.71
N LEU B 142 6.34 -21.03 -3.36
CA LEU B 142 6.26 -21.09 -4.81
C LEU B 142 5.65 -19.77 -5.28
N ASN B 143 6.51 -18.87 -5.73
CA ASN B 143 6.14 -17.47 -5.90
C ASN B 143 6.07 -16.99 -7.34
N ASN B 144 5.09 -16.11 -7.58
CA ASN B 144 4.96 -15.36 -8.83
C ASN B 144 4.79 -16.24 -10.06
N PHE B 145 3.75 -17.07 -10.04
CA PHE B 145 3.44 -17.91 -11.19
C PHE B 145 2.09 -17.57 -11.84
N TYR B 146 1.99 -17.95 -13.11
CA TYR B 146 0.79 -17.85 -13.92
C TYR B 146 0.89 -18.93 -15.01
N PRO B 147 -0.19 -19.69 -15.24
CA PRO B 147 -1.50 -19.58 -14.62
C PRO B 147 -1.60 -20.17 -13.21
N LYS B 148 -2.82 -20.13 -12.72
CA LYS B 148 -3.19 -20.50 -11.36
CA LYS B 148 -3.16 -20.49 -11.35
C LYS B 148 -2.99 -21.99 -11.04
N ASP B 149 -3.24 -22.85 -12.02
CA ASP B 149 -3.19 -24.30 -11.81
C ASP B 149 -1.77 -24.79 -11.49
N ILE B 150 -1.63 -25.46 -10.35
CA ILE B 150 -0.30 -25.92 -9.91
C ILE B 150 -0.47 -27.14 -8.97
N ASN B 151 0.48 -28.08 -9.06
CA ASN B 151 0.42 -29.31 -8.30
C ASN B 151 1.69 -29.37 -7.48
N VAL B 152 1.54 -29.47 -6.16
CA VAL B 152 2.69 -29.48 -5.26
C VAL B 152 2.67 -30.74 -4.43
N LYS B 153 3.81 -31.43 -4.36
CA LYS B 153 3.92 -32.58 -3.50
C LYS B 153 5.19 -32.55 -2.67
N TRP B 154 5.08 -33.14 -1.48
CA TRP B 154 6.21 -33.29 -0.58
C TRP B 154 6.72 -34.72 -0.67
N LYS B 155 8.04 -34.88 -0.79
CA LYS B 155 8.63 -36.21 -0.68
C LYS B 155 9.66 -36.21 0.42
N ILE B 156 9.69 -37.33 1.15
CA ILE B 156 10.65 -37.56 2.23
C ILE B 156 11.42 -38.83 1.89
N ASP B 157 12.73 -38.71 1.66
CA ASP B 157 13.53 -39.82 1.14
C ASP B 157 12.87 -40.49 -0.05
N GLY B 158 12.24 -39.66 -0.90
CA GLY B 158 11.65 -40.10 -2.15
C GLY B 158 10.19 -40.52 -2.09
N SER B 159 9.63 -40.63 -0.89
CA SER B 159 8.24 -41.07 -0.78
C SER B 159 7.29 -39.91 -0.52
N GLU B 160 6.19 -39.90 -1.29
CA GLU B 160 5.19 -38.83 -1.13
C GLU B 160 4.63 -38.80 0.28
N ARG B 161 4.56 -37.60 0.85
CA ARG B 161 4.11 -37.38 2.20
C ARG B 161 2.73 -36.75 2.17
N GLN B 162 1.74 -37.46 2.70
N GLN B 162 1.72 -37.46 2.64
CA GLN B 162 0.34 -37.02 2.67
CA GLN B 162 0.40 -36.88 2.70
C GLN B 162 -0.16 -36.36 3.97
C GLN B 162 0.29 -36.01 3.95
N ASN B 163 0.48 -36.65 5.09
CA ASN B 163 0.12 -36.06 6.37
C ASN B 163 1.03 -34.95 6.88
N GLY B 164 0.44 -33.99 7.59
CA GLY B 164 1.19 -32.92 8.23
C GLY B 164 1.40 -31.69 7.36
N VAL B 165 0.66 -31.61 6.25
CA VAL B 165 0.86 -30.55 5.28
C VAL B 165 -0.26 -29.49 5.29
N LEU B 166 0.14 -28.23 5.40
CA LEU B 166 -0.81 -27.12 5.31
C LEU B 166 -0.38 -26.22 4.15
N ASN B 167 -1.35 -25.73 3.38
CA ASN B 167 -1.07 -24.89 2.24
C ASN B 167 -1.79 -23.56 2.34
N SER B 168 -1.17 -22.50 1.83
CA SER B 168 -1.84 -21.20 1.80
C SER B 168 -1.54 -20.54 0.45
N TRP B 169 -2.38 -19.57 0.10
CA TRP B 169 -2.53 -19.14 -1.27
C TRP B 169 -2.76 -17.63 -1.33
N THR B 170 -2.05 -16.90 -2.18
CA THR B 170 -2.50 -15.53 -2.43
C THR B 170 -2.96 -15.40 -3.87
N ASP B 171 -4.04 -14.67 -4.07
CA ASP B 171 -4.50 -14.32 -5.41
C ASP B 171 -3.78 -13.07 -5.93
N GLN B 172 -4.22 -12.60 -7.10
CA GLN B 172 -3.61 -11.46 -7.77
C GLN B 172 -3.98 -10.17 -7.03
N ASP B 173 -3.20 -9.13 -7.21
CA ASP B 173 -3.63 -7.78 -6.81
C ASP B 173 -3.23 -6.76 -7.88
N SER B 174 -3.65 -5.51 -7.73
CA SER B 174 -3.51 -4.53 -8.82
C SER B 174 -2.06 -4.28 -9.20
N LYS B 175 -1.14 -4.69 -8.33
CA LYS B 175 0.28 -4.46 -8.55
C LYS B 175 0.94 -5.69 -9.15
N ASP B 176 0.31 -6.85 -8.93
CA ASP B 176 0.91 -8.13 -9.27
C ASP B 176 -0.12 -9.06 -9.91
N SER B 177 0.14 -9.42 -11.17
N SER B 177 0.12 -9.44 -11.17
CA SER B 177 -0.74 -10.25 -12.00
CA SER B 177 -0.83 -10.26 -11.92
C SER B 177 -0.54 -11.77 -11.80
C SER B 177 -0.54 -11.76 -11.80
N THR B 178 0.40 -12.13 -10.95
CA THR B 178 0.73 -13.54 -10.75
C THR B 178 0.15 -14.06 -9.45
N TYR B 179 0.27 -15.36 -9.23
CA TYR B 179 -0.13 -16.00 -7.98
C TYR B 179 1.10 -16.44 -7.16
N SER B 180 0.91 -16.66 -5.87
CA SER B 180 1.94 -17.32 -5.05
C SER B 180 1.31 -18.28 -4.05
N MET B 181 2.09 -19.25 -3.61
CA MET B 181 1.61 -20.11 -2.56
C MET B 181 2.74 -20.58 -1.67
N SER B 182 2.34 -21.05 -0.49
CA SER B 182 3.22 -21.48 0.54
C SER B 182 2.73 -22.85 1.01
N SER B 183 3.66 -23.77 1.24
CA SER B 183 3.32 -25.10 1.76
C SER B 183 4.26 -25.44 2.90
N THR B 184 3.70 -25.89 4.02
CA THR B 184 4.50 -26.27 5.18
C THR B 184 4.22 -27.73 5.58
N LEU B 185 5.29 -28.53 5.64
CA LEU B 185 5.24 -29.89 6.16
C LEU B 185 5.73 -29.90 7.61
N THR B 186 4.89 -30.32 8.56
CA THR B 186 5.30 -30.33 9.96
C THR B 186 5.42 -31.77 10.47
N LEU B 187 6.58 -32.10 11.04
CA LEU B 187 6.86 -33.42 11.61
C LEU B 187 7.28 -33.23 13.06
N THR B 188 7.38 -34.32 13.82
CA THR B 188 8.11 -34.22 15.09
C THR B 188 9.59 -34.13 14.78
N LYS B 189 10.37 -33.64 15.76
CA LYS B 189 11.82 -33.66 15.62
C LYS B 189 12.38 -35.06 15.38
N ASP B 190 11.83 -36.07 16.08
CA ASP B 190 12.31 -37.45 15.93
C ASP B 190 12.09 -37.96 14.51
N GLU B 191 10.89 -37.71 14.00
CA GLU B 191 10.55 -38.05 12.61
C GLU B 191 11.50 -37.35 11.67
N TYR B 192 11.69 -36.06 11.91
CA TYR B 192 12.50 -35.27 11.01
C TYR B 192 13.90 -35.85 10.95
N GLU B 193 14.42 -36.24 12.10
CA GLU B 193 15.80 -36.70 12.14
C GLU B 193 15.96 -38.15 11.67
N ARG B 194 14.87 -38.85 11.38
CA ARG B 194 14.96 -40.23 10.88
C ARG B 194 15.11 -40.31 9.36
N HIS B 195 14.93 -39.18 8.69
CA HIS B 195 15.05 -39.14 7.23
C HIS B 195 16.15 -38.19 6.77
N ASN B 196 16.60 -38.40 5.54
CA ASN B 196 17.72 -37.64 5.01
C ASN B 196 17.30 -36.50 4.10
N SER B 197 16.49 -36.79 3.10
CA SER B 197 16.21 -35.82 2.05
CA SER B 197 16.21 -35.82 2.05
C SER B 197 14.76 -35.35 2.04
N TYR B 198 14.57 -34.03 1.94
CA TYR B 198 13.23 -33.43 1.90
C TYR B 198 13.06 -32.69 0.61
N THR B 199 11.95 -32.94 -0.06
CA THR B 199 11.76 -32.41 -1.40
C THR B 199 10.39 -31.74 -1.60
N CYS B 200 10.40 -30.55 -2.19
CA CYS B 200 9.21 -29.83 -2.64
C CYS B 200 9.20 -29.91 -4.17
N GLU B 201 8.17 -30.53 -4.74
CA GLU B 201 8.09 -30.78 -6.17
C GLU B 201 6.83 -30.16 -6.79
N ALA B 202 7.00 -29.29 -7.78
CA ALA B 202 5.87 -28.57 -8.36
C ALA B 202 5.70 -28.87 -9.85
N THR B 203 4.46 -29.10 -10.25
CA THR B 203 4.13 -29.26 -11.65
C THR B 203 3.25 -28.10 -12.12
N HIS B 204 3.69 -27.47 -13.22
CA HIS B 204 3.05 -26.26 -13.68
C HIS B 204 3.09 -26.25 -15.21
N LYS B 205 2.11 -25.58 -15.83
CA LYS B 205 1.98 -25.54 -17.28
C LYS B 205 3.24 -25.10 -18.01
N THR B 206 4.05 -24.29 -17.35
CA THR B 206 5.27 -23.77 -17.91
C THR B 206 6.42 -24.77 -18.14
N SER B 207 6.19 -26.05 -17.82
N SER B 207 6.18 -26.05 -17.82
CA SER B 207 7.17 -27.09 -18.13
CA SER B 207 7.15 -27.10 -18.13
C SER B 207 6.58 -28.49 -17.96
C SER B 207 6.53 -28.49 -18.01
N THR B 208 7.00 -29.42 -18.83
CA THR B 208 6.56 -30.80 -18.72
C THR B 208 7.33 -31.52 -17.63
N SER B 209 8.47 -30.98 -17.23
CA SER B 209 9.21 -31.56 -16.11
C SER B 209 8.89 -30.79 -14.82
N PRO B 210 8.72 -31.53 -13.71
CA PRO B 210 8.48 -30.88 -12.42
CA PRO B 210 8.47 -30.87 -12.42
C PRO B 210 9.66 -30.02 -11.96
N ILE B 211 9.37 -28.96 -11.23
CA ILE B 211 10.41 -28.17 -10.60
C ILE B 211 10.66 -28.82 -9.26
N VAL B 212 11.90 -29.18 -9.00
CA VAL B 212 12.23 -29.91 -7.78
C VAL B 212 13.19 -29.11 -6.93
N LYS B 213 12.84 -28.84 -5.68
CA LYS B 213 13.80 -28.27 -4.75
C LYS B 213 13.94 -29.18 -3.54
N SER B 214 15.19 -29.41 -3.15
N SER B 214 15.18 -29.41 -3.14
CA SER B 214 15.51 -30.39 -2.12
CA SER B 214 15.46 -30.39 -2.10
C SER B 214 16.51 -29.81 -1.14
C SER B 214 16.61 -29.94 -1.21
N PHE B 215 16.61 -30.44 0.02
CA PHE B 215 17.80 -30.30 0.87
C PHE B 215 17.98 -31.61 1.62
N ASN B 216 19.23 -31.91 1.94
CA ASN B 216 19.55 -33.09 2.71
C ASN B 216 19.85 -32.65 4.14
N ARG B 217 19.29 -33.33 5.13
CA ARG B 217 19.47 -32.94 6.53
C ARG B 217 20.97 -32.86 6.88
N ASN B 218 21.75 -33.73 6.24
CA ASN B 218 23.10 -33.45 5.68
C ASN B 218 23.96 -34.70 5.54
N PHE C 1 -45.32 1.52 2.98
CA PHE C 1 -44.84 2.64 3.81
C PHE C 1 -44.73 2.18 5.27
N ASP C 2 -43.58 2.45 5.87
CA ASP C 2 -43.34 2.15 7.29
C ASP C 2 -42.87 3.42 7.97
N SER C 3 -43.65 3.96 8.90
CA SER C 3 -43.21 5.17 9.59
C SER C 3 -41.94 4.93 10.41
N ALA C 4 -41.59 3.67 10.62
CA ALA C 4 -40.45 3.34 11.48
C ALA C 4 -39.22 2.87 10.67
N GLU C 5 -39.31 2.96 9.34
CA GLU C 5 -38.17 2.64 8.50
C GLU C 5 -37.00 3.54 8.89
N PRO C 6 -35.80 2.95 9.04
CA PRO C 6 -34.73 3.72 9.68
C PRO C 6 -33.97 4.63 8.73
N TRP C 7 -34.03 4.42 7.43
CA TRP C 7 -33.28 5.27 6.50
C TRP C 7 -33.70 6.74 6.63
N THR C 8 -32.72 7.62 6.82
CA THR C 8 -33.03 9.02 7.05
C THR C 8 -32.95 9.84 5.76
N VAL C 9 -31.90 9.65 4.95
CA VAL C 9 -31.86 10.33 3.66
C VAL C 9 -31.93 9.38 2.47
N ARG C 10 -31.71 8.09 2.67
CA ARG C 10 -31.56 7.18 1.53
C ARG C 10 -32.78 7.18 0.60
N ASN C 11 -33.97 7.14 1.20
CA ASN C 11 -35.21 7.06 0.45
C ASN C 11 -35.72 8.39 -0.08
N GLU C 12 -34.92 9.44 0.07
CA GLU C 12 -35.30 10.76 -0.43
C GLU C 12 -34.64 10.99 -1.78
N ASP C 13 -35.43 11.50 -2.73
CA ASP C 13 -34.94 11.79 -4.08
C ASP C 13 -34.79 13.30 -4.26
N GLU D 1 6.99 -11.16 -12.06
CA GLU D 1 7.89 -12.02 -12.84
C GLU D 1 9.22 -11.31 -13.14
N VAL D 2 9.18 -10.31 -14.01
CA VAL D 2 10.34 -9.46 -14.24
C VAL D 2 10.63 -8.67 -12.96
N LYS D 3 11.82 -8.79 -12.41
CA LYS D 3 12.14 -8.00 -11.23
C LYS D 3 13.55 -7.42 -11.31
N LEU D 4 13.68 -6.20 -10.82
CA LEU D 4 14.92 -5.48 -10.79
C LEU D 4 15.08 -4.89 -9.39
N VAL D 5 16.19 -5.17 -8.71
CA VAL D 5 16.35 -4.60 -7.36
C VAL D 5 17.72 -3.97 -7.16
N GLU D 6 17.73 -2.65 -6.97
CA GLU D 6 19.00 -1.93 -6.79
C GLU D 6 19.43 -1.97 -5.34
N SER D 7 20.73 -1.78 -5.12
CA SER D 7 21.27 -1.73 -3.77
C SER D 7 22.59 -0.99 -3.77
N GLY D 8 23.06 -0.66 -2.57
CA GLY D 8 24.39 -0.11 -2.37
C GLY D 8 24.41 1.39 -2.14
N GLY D 9 23.27 2.03 -2.25
CA GLY D 9 23.20 3.47 -2.02
C GLY D 9 23.56 3.82 -0.59
N GLY D 10 24.02 5.05 -0.38
CA GLY D 10 24.33 5.49 0.97
C GLY D 10 24.97 6.86 0.92
N LEU D 11 25.41 7.33 2.09
CA LEU D 11 26.04 8.63 2.24
C LEU D 11 27.53 8.54 1.90
N VAL D 12 27.99 9.42 1.02
N VAL D 12 28.00 9.47 1.09
CA VAL D 12 29.42 9.52 0.73
CA VAL D 12 29.41 9.52 0.70
C VAL D 12 29.84 10.99 0.70
C VAL D 12 29.88 10.97 0.61
N LYS D 13 31.07 11.25 1.14
CA LYS D 13 31.62 12.59 1.06
C LYS D 13 32.00 12.95 -0.38
N PRO D 14 31.88 14.24 -0.73
CA PRO D 14 32.36 14.70 -2.04
C PRO D 14 33.75 14.17 -2.34
N GLY D 15 33.98 13.66 -3.55
CA GLY D 15 35.27 13.08 -3.89
C GLY D 15 35.33 11.58 -3.69
N GLY D 16 34.31 11.03 -3.01
CA GLY D 16 34.34 9.64 -2.58
C GLY D 16 33.91 8.65 -3.64
N SER D 17 33.82 7.39 -3.26
CA SER D 17 33.46 6.30 -4.17
C SER D 17 32.35 5.47 -3.59
N LEU D 18 31.62 4.81 -4.47
CA LEU D 18 30.49 3.98 -4.11
C LEU D 18 30.28 3.00 -5.24
N LYS D 19 29.88 1.77 -4.93
CA LYS D 19 29.51 0.82 -5.97
C LYS D 19 28.02 0.46 -5.83
N LEU D 20 27.25 0.69 -6.90
CA LEU D 20 25.83 0.32 -6.91
C LEU D 20 25.65 -1.01 -7.63
N SER D 21 24.68 -1.79 -7.18
CA SER D 21 24.31 -3.03 -7.87
C SER D 21 22.86 -3.02 -8.28
N CYS D 22 22.52 -3.84 -9.27
CA CYS D 22 21.13 -4.05 -9.66
C CYS D 22 20.94 -5.55 -9.98
N ALA D 23 20.22 -6.27 -9.14
CA ALA D 23 19.98 -7.70 -9.37
C ALA D 23 18.74 -7.92 -10.27
N ALA D 24 18.87 -8.74 -11.31
CA ALA D 24 17.74 -9.04 -12.18
C ALA D 24 17.25 -10.49 -12.08
N SER D 25 15.94 -10.67 -12.21
CA SER D 25 15.39 -12.00 -12.40
C SER D 25 14.13 -11.95 -13.25
N GLY D 26 13.73 -13.12 -13.73
CA GLY D 26 12.45 -13.28 -14.38
C GLY D 26 12.54 -13.06 -15.87
N PHE D 27 13.76 -13.05 -16.40
CA PHE D 27 13.98 -12.93 -17.84
C PHE D 27 15.42 -13.28 -18.18
N ILE D 28 15.71 -13.55 -19.45
CA ILE D 28 17.08 -13.85 -19.87
CA ILE D 28 17.08 -13.86 -19.85
C ILE D 28 17.91 -12.57 -19.88
N PHE D 29 18.66 -12.34 -18.81
CA PHE D 29 19.38 -11.08 -18.57
C PHE D 29 20.18 -10.59 -19.77
N SER D 30 21.00 -11.47 -20.34
CA SER D 30 21.94 -11.02 -21.37
C SER D 30 21.29 -10.73 -22.73
N ASN D 31 20.00 -11.02 -22.88
CA ASN D 31 19.29 -10.64 -24.12
C ASN D 31 18.90 -9.16 -24.17
N TYR D 32 19.13 -8.41 -23.10
CA TYR D 32 18.63 -7.05 -23.01
C TYR D 32 19.63 -6.01 -22.54
N ALA D 33 19.65 -4.85 -23.22
CA ALA D 33 20.40 -3.71 -22.69
C ALA D 33 19.73 -3.25 -21.38
N MET D 34 20.51 -2.60 -20.54
CA MET D 34 20.08 -2.10 -19.23
C MET D 34 20.50 -0.66 -19.14
N SER D 35 19.72 0.17 -18.44
CA SER D 35 20.09 1.57 -18.25
C SER D 35 20.14 1.97 -16.79
N TRP D 36 20.89 3.04 -16.52
CA TRP D 36 20.79 3.72 -15.23
C TRP D 36 20.12 5.10 -15.46
N VAL D 37 19.12 5.39 -14.63
CA VAL D 37 18.41 6.67 -14.63
C VAL D 37 18.34 7.17 -13.20
N ARG D 38 18.62 8.45 -12.98
CA ARG D 38 18.58 8.96 -11.63
C ARG D 38 17.52 10.05 -11.48
N GLN D 39 17.03 10.20 -10.26
CA GLN D 39 16.05 11.25 -9.96
C GLN D 39 16.59 12.17 -8.88
N THR D 40 16.71 13.44 -9.22
CA THR D 40 17.38 14.40 -8.35
C THR D 40 16.43 14.80 -7.22
N PRO D 41 16.95 15.51 -6.20
CA PRO D 41 16.08 15.96 -5.10
C PRO D 41 14.93 16.86 -5.57
N GLU D 42 15.17 17.60 -6.65
CA GLU D 42 14.15 18.45 -7.27
C GLU D 42 13.16 17.63 -8.10
N LYS D 43 13.37 16.32 -8.17
CA LYS D 43 12.50 15.36 -8.85
C LYS D 43 12.64 15.38 -10.37
N ARG D 44 13.71 15.95 -10.90
CA ARG D 44 14.00 15.82 -12.32
C ARG D 44 14.53 14.40 -12.59
N LEU D 45 14.17 13.83 -13.74
CA LEU D 45 14.76 12.57 -14.18
C LEU D 45 15.94 12.83 -15.16
N GLU D 46 17.02 12.07 -15.01
N GLU D 46 17.05 12.13 -14.98
CA GLU D 46 18.23 12.21 -15.82
CA GLU D 46 18.17 12.25 -15.93
C GLU D 46 18.74 10.84 -16.25
C GLU D 46 18.72 10.87 -16.27
N TRP D 47 18.77 10.59 -17.56
CA TRP D 47 19.39 9.38 -18.07
C TRP D 47 20.90 9.43 -17.75
N VAL D 48 21.46 8.30 -17.30
CA VAL D 48 22.87 8.31 -16.89
C VAL D 48 23.70 7.47 -17.87
N ALA D 49 23.25 6.25 -18.12
CA ALA D 49 23.92 5.39 -19.08
C ALA D 49 23.05 4.23 -19.55
N THR D 50 23.43 3.66 -20.69
CA THR D 50 22.83 2.43 -21.23
C THR D 50 23.93 1.48 -21.69
N ILE D 51 23.82 0.22 -21.29
CA ILE D 51 24.84 -0.76 -21.62
C ILE D 51 24.21 -1.96 -22.30
N SER D 52 24.88 -2.43 -23.34
CA SER D 52 24.35 -3.47 -24.20
C SER D 52 24.19 -4.79 -23.46
N GLY D 53 23.40 -5.69 -24.02
CA GLY D 53 23.23 -7.04 -23.51
C GLY D 53 24.54 -7.77 -23.20
N GLY D 54 25.49 -7.69 -24.13
CA GLY D 54 26.75 -8.40 -23.94
C GLY D 54 27.76 -7.64 -23.08
N GLY D 55 27.45 -6.38 -22.78
CA GLY D 55 28.24 -5.59 -21.83
C GLY D 55 29.41 -4.76 -22.39
N ARG D 56 29.62 -4.76 -23.69
N ARG D 56 29.60 -4.80 -23.70
CA ARG D 56 30.80 -4.10 -24.24
CA ARG D 56 30.76 -4.17 -24.32
C ARG D 56 30.50 -2.82 -25.02
C ARG D 56 30.48 -2.76 -24.84
N ASN D 57 29.22 -2.47 -25.13
CA ASN D 57 28.84 -1.19 -25.75
C ASN D 57 28.06 -0.33 -24.74
N ILE D 58 28.54 0.88 -24.52
CA ILE D 58 28.01 1.78 -23.49
C ILE D 58 27.89 3.20 -24.03
N TYR D 59 26.73 3.80 -23.82
CA TYR D 59 26.53 5.24 -23.90
C TYR D 59 26.39 5.82 -22.49
N SER D 60 26.97 6.99 -22.22
CA SER D 60 26.84 7.57 -20.87
C SER D 60 26.89 9.10 -20.97
N LEU D 61 26.36 9.79 -19.96
CA LEU D 61 26.51 11.25 -19.89
C LEU D 61 27.95 11.70 -19.92
N ASP D 62 28.28 12.72 -20.71
CA ASP D 62 29.66 13.23 -20.73
C ASP D 62 30.11 13.65 -19.33
N SER D 63 29.19 14.19 -18.52
CA SER D 63 29.55 14.70 -17.20
C SER D 63 29.88 13.62 -16.17
N VAL D 64 29.70 12.33 -16.53
CA VAL D 64 30.13 11.25 -15.64
C VAL D 64 31.31 10.45 -16.20
N LYS D 65 31.77 10.77 -17.41
CA LYS D 65 32.92 10.07 -17.99
C LYS D 65 34.20 10.32 -17.17
N GLY D 66 34.92 9.23 -16.86
CA GLY D 66 36.08 9.33 -15.98
C GLY D 66 35.72 9.27 -14.50
N ARG D 67 34.43 9.27 -14.20
CA ARG D 67 33.98 9.22 -12.81
C ARG D 67 33.12 7.96 -12.54
N PHE D 68 32.20 7.65 -13.45
CA PHE D 68 31.34 6.48 -13.31
C PHE D 68 31.76 5.41 -14.33
N THR D 69 31.79 4.16 -13.88
CA THR D 69 32.02 3.06 -14.80
C THR D 69 30.86 2.07 -14.71
N PHE D 70 30.41 1.60 -15.88
CA PHE D 70 29.27 0.69 -16.00
C PHE D 70 29.68 -0.66 -16.56
N PHE D 71 29.24 -1.75 -15.93
CA PHE D 71 29.54 -3.08 -16.44
C PHE D 71 28.51 -4.05 -15.88
N ARG D 72 28.44 -5.23 -16.49
CA ARG D 72 27.48 -6.22 -16.04
C ARG D 72 28.22 -7.55 -15.92
N ASP D 73 27.63 -8.43 -15.12
CA ASP D 73 28.08 -9.81 -14.96
C ASP D 73 26.92 -10.67 -15.42
N ASN D 74 26.95 -11.10 -16.68
CA ASN D 74 25.81 -11.83 -17.21
C ASN D 74 25.66 -13.22 -16.55
N ALA D 75 26.77 -13.77 -16.06
CA ALA D 75 26.71 -15.08 -15.39
C ALA D 75 25.96 -14.99 -14.06
N ARG D 76 25.90 -13.79 -13.51
CA ARG D 76 25.27 -13.63 -12.19
C ARG D 76 24.06 -12.69 -12.22
N ASN D 77 23.55 -12.38 -13.42
CA ASN D 77 22.28 -11.62 -13.54
C ASN D 77 22.33 -10.30 -12.76
N THR D 78 23.46 -9.60 -12.85
CA THR D 78 23.68 -8.39 -12.07
C THR D 78 24.33 -7.28 -12.90
N LEU D 79 23.88 -6.05 -12.68
CA LEU D 79 24.36 -4.85 -13.37
C LEU D 79 25.03 -3.95 -12.34
N TYR D 80 26.13 -3.29 -12.69
CA TYR D 80 26.88 -2.51 -11.72
C TYR D 80 27.05 -1.06 -12.11
N LEU D 81 27.16 -0.20 -11.09
CA LEU D 81 27.53 1.19 -11.32
C LEU D 81 28.63 1.54 -10.33
N GLN D 82 29.87 1.63 -10.82
N GLN D 82 29.87 1.61 -10.84
CA GLN D 82 30.99 1.97 -9.97
CA GLN D 82 31.01 2.00 -10.04
C GLN D 82 31.24 3.47 -10.02
C GLN D 82 31.17 3.51 -10.06
N MET D 83 31.03 4.14 -8.90
CA MET D 83 31.11 5.60 -8.84
C MET D 83 32.39 6.00 -8.15
N SER D 84 33.03 7.05 -8.66
CA SER D 84 34.18 7.68 -7.99
C SER D 84 34.13 9.18 -8.29
N SER D 85 34.98 9.96 -7.63
CA SER D 85 34.94 11.43 -7.73
C SER D 85 33.51 12.00 -7.59
N LEU D 86 32.76 11.47 -6.64
CA LEU D 86 31.36 11.85 -6.46
C LEU D 86 31.19 13.33 -6.15
N ARG D 87 30.14 13.93 -6.71
CA ARG D 87 29.85 15.36 -6.52
C ARG D 87 28.45 15.57 -5.92
N SER D 88 28.20 16.75 -5.34
CA SER D 88 26.86 17.09 -4.83
C SER D 88 25.77 16.85 -5.86
N GLU D 89 26.08 17.18 -7.11
CA GLU D 89 25.14 17.04 -8.21
C GLU D 89 24.79 15.58 -8.49
N ASP D 90 25.54 14.64 -7.91
CA ASP D 90 25.26 13.23 -8.14
C ASP D 90 24.25 12.71 -7.13
N THR D 91 23.90 13.53 -6.14
CA THR D 91 22.89 13.15 -5.15
C THR D 91 21.56 12.89 -5.86
N ALA D 92 21.00 11.70 -5.63
CA ALA D 92 19.85 11.24 -6.40
C ALA D 92 19.42 9.85 -5.99
N MET D 93 18.19 9.50 -6.36
CA MET D 93 17.74 8.11 -6.38
C MET D 93 18.20 7.48 -7.71
N TYR D 94 18.92 6.36 -7.64
CA TYR D 94 19.39 5.68 -8.87
C TYR D 94 18.55 4.45 -9.18
N PHE D 95 17.95 4.45 -10.37
CA PHE D 95 17.11 3.35 -10.83
C PHE D 95 17.84 2.58 -11.93
N CYS D 96 17.71 1.25 -11.95
CA CYS D 96 18.10 0.53 -13.15
C CYS D 96 16.84 0.15 -13.93
N SER D 97 16.97 -0.04 -15.24
CA SER D 97 15.81 -0.29 -16.07
C SER D 97 16.16 -1.11 -17.31
N ARG D 98 15.27 -2.04 -17.65
CA ARG D 98 15.47 -2.94 -18.78
C ARG D 98 14.74 -2.43 -20.01
N GLU D 99 15.40 -2.48 -21.17
CA GLU D 99 14.78 -2.13 -22.45
C GLU D 99 13.79 -3.19 -22.93
N ASN D 100 13.11 -2.89 -24.04
CA ASN D 100 12.31 -3.88 -24.78
C ASN D 100 12.19 -3.41 -26.21
N TYR D 101 11.68 -4.25 -27.10
CA TYR D 101 11.50 -3.86 -28.49
C TYR D 101 10.71 -2.59 -28.52
N GLY D 102 11.27 -1.55 -29.12
CA GLY D 102 10.58 -0.27 -29.22
C GLY D 102 10.65 0.72 -28.07
N SER D 103 11.03 0.27 -26.87
CA SER D 103 11.01 1.21 -25.74
C SER D 103 12.24 1.16 -24.85
N SER D 104 12.62 2.33 -24.34
CA SER D 104 13.88 2.46 -23.61
C SER D 104 13.89 1.93 -22.16
N PHE D 105 12.89 2.35 -21.37
CA PHE D 105 12.85 2.02 -19.94
C PHE D 105 11.55 1.26 -19.62
N THR D 106 11.52 -0.01 -20.01
CA THR D 106 10.28 -0.82 -19.98
C THR D 106 9.94 -1.32 -18.57
N TYR D 107 10.99 -1.71 -17.84
CA TYR D 107 10.86 -2.23 -16.48
C TYR D 107 11.83 -1.47 -15.59
N TRP D 108 11.37 -1.01 -14.43
CA TRP D 108 12.19 -0.21 -13.52
C TRP D 108 12.32 -0.93 -12.18
N GLY D 109 13.46 -0.78 -11.49
CA GLY D 109 13.53 -1.20 -10.09
C GLY D 109 12.91 -0.16 -9.15
N GLN D 110 13.17 -0.32 -7.86
N GLN D 110 13.18 -0.32 -7.86
N GLN D 110 13.13 -0.30 -7.84
CA GLN D 110 12.61 0.56 -6.84
CA GLN D 110 12.63 0.54 -6.83
CA GLN D 110 12.56 0.65 -6.89
C GLN D 110 13.56 1.72 -6.53
C GLN D 110 13.57 1.70 -6.51
C GLN D 110 13.57 1.74 -6.53
N GLY D 111 14.80 1.59 -6.99
CA GLY D 111 15.81 2.63 -6.81
C GLY D 111 16.67 2.46 -5.56
N THR D 112 17.81 3.12 -5.51
CA THR D 112 18.62 3.16 -4.30
C THR D 112 19.21 4.56 -4.17
N LEU D 113 19.19 5.09 -2.95
CA LEU D 113 19.46 6.51 -2.72
C LEU D 113 20.93 6.79 -2.45
N VAL D 114 21.51 7.69 -3.26
CA VAL D 114 22.89 8.08 -3.07
C VAL D 114 22.93 9.52 -2.58
N THR D 115 23.56 9.74 -1.43
CA THR D 115 23.68 11.09 -0.86
C THR D 115 25.14 11.50 -0.85
N VAL D 116 25.48 12.57 -1.57
CA VAL D 116 26.85 13.06 -1.59
C VAL D 116 26.89 14.33 -0.80
N SER D 117 27.52 14.27 0.38
CA SER D 117 27.47 15.39 1.32
C SER D 117 28.57 15.30 2.37
N SER D 118 29.01 16.46 2.85
N SER D 118 29.00 16.46 2.88
CA SER D 118 29.95 16.53 3.96
CA SER D 118 29.97 16.50 3.97
C SER D 118 29.29 16.33 5.32
C SER D 118 29.28 16.55 5.35
N ALA D 119 27.96 16.40 5.38
CA ALA D 119 27.23 16.38 6.65
C ALA D 119 27.43 15.05 7.36
N LYS D 120 27.45 15.06 8.68
CA LYS D 120 27.71 13.85 9.46
C LYS D 120 26.48 12.98 9.65
N THR D 121 26.66 11.66 9.59
CA THR D 121 25.61 10.72 9.98
C THR D 121 25.19 10.98 11.40
N THR D 122 23.90 11.13 11.61
CA THR D 122 23.34 11.43 12.94
C THR D 122 22.07 10.64 13.18
N PRO D 123 21.96 10.00 14.36
CA PRO D 123 20.72 9.24 14.58
C PRO D 123 19.58 10.16 15.03
N PRO D 124 18.32 9.78 14.76
CA PRO D 124 17.19 10.64 15.14
C PRO D 124 16.88 10.61 16.63
N SER D 125 16.29 11.69 17.12
CA SER D 125 15.59 11.68 18.40
C SER D 125 14.10 11.63 18.10
N VAL D 126 13.37 10.71 18.73
CA VAL D 126 11.96 10.51 18.43
C VAL D 126 11.11 10.93 19.61
N TYR D 127 10.22 11.90 19.43
CA TYR D 127 9.39 12.42 20.52
C TYR D 127 7.91 12.20 20.27
N PRO D 128 7.14 11.93 21.33
CA PRO D 128 5.68 11.72 21.21
C PRO D 128 4.96 13.04 21.01
N LEU D 129 3.87 12.99 20.25
CA LEU D 129 2.98 14.14 20.14
C LEU D 129 1.62 13.74 20.70
N ALA D 130 1.27 14.35 21.84
CA ALA D 130 -0.03 14.13 22.46
C ALA D 130 -0.70 15.47 22.74
N PRO D 131 -2.03 15.52 22.66
CA PRO D 131 -2.78 16.77 22.91
C PRO D 131 -2.58 17.32 24.32
N GLY D 132 -2.53 18.65 24.43
CA GLY D 132 -2.48 19.30 25.71
C GLY D 132 -3.66 18.95 26.60
N SER D 133 -4.85 19.41 26.19
CA SER D 133 -6.09 19.29 26.96
C SER D 133 -7.20 20.13 26.37
N ALA D 134 -7.88 19.62 25.35
CA ALA D 134 -9.01 20.33 24.75
C ALA D 134 -10.19 19.41 24.48
N ALA D 135 -10.76 19.54 23.28
CA ALA D 135 -12.05 18.94 22.93
C ALA D 135 -12.16 17.43 23.23
N GLN D 136 -12.77 17.10 24.36
CA GLN D 136 -12.99 15.72 24.75
C GLN D 136 -14.37 15.25 24.31
N THR D 137 -14.99 16.01 23.42
CA THR D 137 -16.26 15.58 22.84
C THR D 137 -16.02 14.96 21.46
N ASN D 138 -14.78 15.11 20.96
CA ASN D 138 -14.40 14.51 19.67
C ASN D 138 -14.46 12.99 19.73
N SER D 139 -14.99 12.38 18.68
CA SER D 139 -14.98 10.92 18.58
C SER D 139 -13.59 10.40 18.23
N MET D 140 -12.77 11.26 17.59
CA MET D 140 -11.43 10.88 17.20
C MET D 140 -10.39 11.68 17.97
N VAL D 141 -9.20 11.14 18.10
CA VAL D 141 -8.08 11.90 18.64
C VAL D 141 -6.91 11.70 17.68
N THR D 142 -6.18 12.77 17.41
CA THR D 142 -5.00 12.68 16.55
C THR D 142 -3.74 12.71 17.43
N LEU D 143 -2.87 11.72 17.22
CA LEU D 143 -1.58 11.62 17.90
C LEU D 143 -0.48 11.70 16.87
N GLY D 144 0.77 11.71 17.32
CA GLY D 144 1.82 11.71 16.33
C GLY D 144 3.17 11.44 16.93
N CYS D 145 4.16 11.43 16.05
N CYS D 145 4.20 11.39 16.09
CA CYS D 145 5.53 11.27 16.47
CA CYS D 145 5.54 11.30 16.66
C CYS D 145 6.38 12.29 15.74
C CYS D 145 6.53 12.03 15.78
N LEU D 146 7.36 12.84 16.44
CA LEU D 146 8.30 13.75 15.82
C LEU D 146 9.64 13.09 15.72
N VAL D 147 10.16 12.97 14.50
CA VAL D 147 11.43 12.29 14.24
C VAL D 147 12.44 13.36 13.86
N LYS D 148 13.24 13.76 14.84
CA LYS D 148 13.96 15.02 14.68
C LYS D 148 15.47 14.82 14.66
N GLY D 149 16.13 15.57 13.77
CA GLY D 149 17.58 15.71 13.83
C GLY D 149 18.41 14.54 13.36
N TYR D 150 18.02 13.92 12.23
CA TYR D 150 18.81 12.79 11.70
C TYR D 150 19.43 13.08 10.34
N PHE D 151 20.40 12.24 9.95
CA PHE D 151 21.05 12.37 8.65
C PHE D 151 21.81 11.08 8.39
N PRO D 152 21.77 10.57 7.16
CA PRO D 152 20.99 10.99 5.97
C PRO D 152 19.58 10.44 5.99
N GLU D 153 18.81 10.69 4.93
CA GLU D 153 17.61 9.94 4.63
C GLU D 153 18.00 8.52 4.25
N PRO D 154 17.06 7.57 4.36
CA PRO D 154 15.68 7.68 4.80
C PRO D 154 15.42 7.15 6.22
N VAL D 155 14.23 7.40 6.71
CA VAL D 155 13.70 6.79 7.92
CA VAL D 155 13.73 6.71 7.90
C VAL D 155 12.40 6.07 7.54
N THR D 156 12.06 5.00 8.24
N THR D 156 12.01 5.06 8.30
CA THR D 156 10.72 4.44 8.10
CA THR D 156 10.71 4.43 8.09
C THR D 156 9.95 4.68 9.39
C THR D 156 9.90 4.50 9.39
N VAL D 157 8.63 4.83 9.28
CA VAL D 157 7.77 5.00 10.45
C VAL D 157 6.57 4.08 10.33
N THR D 158 6.34 3.27 11.35
CA THR D 158 5.09 2.52 11.43
C THR D 158 4.43 2.78 12.77
N TRP D 159 3.19 2.34 12.91
CA TRP D 159 2.41 2.50 14.13
C TRP D 159 1.90 1.16 14.64
N ASN D 160 2.04 0.94 15.94
CA ASN D 160 1.75 -0.34 16.60
C ASN D 160 2.30 -1.51 15.79
N SER D 161 3.55 -1.38 15.36
CA SER D 161 4.24 -2.42 14.62
C SER D 161 3.53 -2.83 13.34
N GLY D 162 2.76 -1.92 12.74
CA GLY D 162 2.09 -2.24 11.51
C GLY D 162 0.61 -2.60 11.71
N SER D 163 0.23 -2.89 12.95
CA SER D 163 -1.17 -3.23 13.27
C SER D 163 -2.10 -2.06 12.98
N LEU D 164 -1.55 -0.85 13.07
CA LEU D 164 -2.28 0.39 12.88
C LEU D 164 -1.85 1.04 11.58
N SER D 165 -2.71 1.07 10.58
CA SER D 165 -2.25 1.60 9.30
C SER D 165 -3.19 2.57 8.59
N SER D 166 -4.49 2.48 8.86
CA SER D 166 -5.49 3.28 8.14
C SER D 166 -5.46 4.80 8.38
N GLY D 167 -5.42 5.23 9.64
CA GLY D 167 -5.53 6.66 9.90
C GLY D 167 -4.21 7.43 9.94
N VAL D 168 -3.28 7.09 9.05
CA VAL D 168 -1.91 7.62 9.13
C VAL D 168 -1.54 8.64 8.03
N HIS D 169 -0.87 9.73 8.45
CA HIS D 169 -0.19 10.67 7.53
C HIS D 169 1.27 10.83 7.93
N THR D 170 2.20 10.31 7.11
CA THR D 170 3.63 10.52 7.35
C THR D 170 4.13 11.52 6.34
N PHE D 171 4.72 12.61 6.84
CA PHE D 171 5.08 13.73 5.98
C PHE D 171 6.52 13.58 5.52
N PRO D 172 6.84 14.16 4.34
CA PRO D 172 8.22 14.14 3.83
C PRO D 172 9.15 14.89 4.76
N ALA D 173 10.38 14.41 4.84
CA ALA D 173 11.37 15.02 5.71
C ALA D 173 11.77 16.39 5.16
N VAL D 174 12.10 17.30 6.06
CA VAL D 174 12.60 18.62 5.67
C VAL D 174 14.01 18.80 6.21
N LEU D 175 14.91 19.34 5.39
CA LEU D 175 16.33 19.46 5.73
C LEU D 175 16.68 20.86 6.18
N GLN D 176 17.29 20.98 7.36
CA GLN D 176 17.74 22.27 7.88
C GLN D 176 19.06 22.10 8.62
N SER D 177 20.07 22.89 8.24
CA SER D 177 21.39 22.82 8.88
C SER D 177 21.90 21.39 9.01
N ASP D 178 21.95 20.69 7.89
CA ASP D 178 22.53 19.36 7.79
C ASP D 178 21.78 18.29 8.58
N LEU D 179 20.56 18.57 9.03
CA LEU D 179 19.75 17.57 9.71
C LEU D 179 18.30 17.55 9.21
N TYR D 180 17.74 16.35 9.13
CA TYR D 180 16.37 16.19 8.69
C TYR D 180 15.44 16.13 9.86
N THR D 181 14.21 16.58 9.64
CA THR D 181 13.12 16.43 10.61
C THR D 181 11.87 15.96 9.87
N LEU D 182 11.12 15.07 10.49
CA LEU D 182 9.98 14.42 9.89
C LEU D 182 8.91 14.21 10.95
N SER D 183 7.64 14.28 10.55
CA SER D 183 6.56 13.94 11.45
C SER D 183 5.54 12.96 10.80
N SER D 184 4.81 12.27 11.67
CA SER D 184 3.80 11.32 11.27
C SER D 184 2.62 11.46 12.22
N SER D 185 1.40 11.50 11.68
CA SER D 185 0.25 11.58 12.56
C SER D 185 -0.58 10.34 12.41
N VAL D 186 -1.32 9.99 13.46
CA VAL D 186 -2.22 8.85 13.38
C VAL D 186 -3.49 9.27 14.10
N THR D 187 -4.64 8.90 13.56
CA THR D 187 -5.91 9.26 14.19
C THR D 187 -6.64 7.99 14.61
N VAL D 188 -7.03 7.92 15.88
CA VAL D 188 -7.74 6.75 16.43
C VAL D 188 -9.03 7.17 17.17
N PRO D 189 -9.93 6.22 17.46
CA PRO D 189 -11.10 6.64 18.24
C PRO D 189 -10.67 7.13 19.62
N SER D 190 -11.28 8.22 20.07
N SER D 190 -11.25 8.24 20.07
CA SER D 190 -10.87 8.84 21.34
CA SER D 190 -10.86 8.82 21.35
C SER D 190 -11.20 7.92 22.51
C SER D 190 -11.11 7.83 22.46
N SER D 191 -12.15 7.02 22.31
CA SER D 191 -12.51 6.07 23.38
C SER D 191 -11.46 4.98 23.54
N THR D 192 -10.50 4.88 22.62
CA THR D 192 -9.51 3.80 22.68
C THR D 192 -8.12 4.26 23.16
N TRP D 193 -7.98 5.56 23.42
CA TRP D 193 -6.72 6.13 23.92
C TRP D 193 -7.02 7.05 25.10
N PRO D 194 -6.32 6.84 26.22
CA PRO D 194 -5.14 5.99 26.36
C PRO D 194 -5.40 4.54 26.76
N SER D 195 -6.65 4.09 26.78
CA SER D 195 -6.93 2.73 27.25
C SER D 195 -6.23 1.66 26.41
N GLU D 196 -6.01 1.93 25.12
CA GLU D 196 -5.24 1.01 24.28
C GLU D 196 -4.00 1.73 23.76
N THR D 197 -2.83 1.12 23.97
CA THR D 197 -1.58 1.82 23.69
C THR D 197 -1.36 2.13 22.19
N VAL D 198 -0.79 3.30 21.94
CA VAL D 198 -0.39 3.70 20.59
C VAL D 198 1.09 4.01 20.65
N THR D 199 1.85 3.36 19.77
CA THR D 199 3.31 3.48 19.72
C THR D 199 3.79 3.70 18.27
N CYS D 200 4.68 4.67 18.04
CA CYS D 200 5.28 4.74 16.72
C CYS D 200 6.62 4.03 16.76
N ASN D 201 6.90 3.31 15.68
CA ASN D 201 8.12 2.57 15.50
C ASN D 201 8.96 3.28 14.42
N VAL D 202 10.13 3.76 14.82
CA VAL D 202 10.98 4.50 13.88
C VAL D 202 12.30 3.78 13.63
N ALA D 203 12.69 3.66 12.37
CA ALA D 203 13.97 3.02 12.03
C ALA D 203 14.80 3.93 11.14
N HIS D 204 16.09 4.02 11.43
CA HIS D 204 17.05 4.81 10.67
C HIS D 204 18.27 3.92 10.38
N PRO D 205 18.19 3.13 9.29
CA PRO D 205 19.23 2.16 8.97
C PRO D 205 20.62 2.77 8.88
N ALA D 206 20.75 3.99 8.39
CA ALA D 206 22.10 4.53 8.20
C ALA D 206 22.83 4.69 9.54
N SER D 207 22.10 4.76 10.65
CA SER D 207 22.76 4.88 11.96
C SER D 207 22.47 3.66 12.83
N SER D 208 21.87 2.63 12.24
CA SER D 208 21.46 1.42 12.94
C SER D 208 20.59 1.74 14.13
N THR D 209 19.76 2.76 14.00
CA THR D 209 18.85 3.18 15.05
C THR D 209 17.43 2.64 14.88
N LYS D 210 16.88 2.14 15.99
CA LYS D 210 15.48 1.75 16.05
C LYS D 210 14.89 2.33 17.33
N VAL D 211 13.83 3.12 17.24
CA VAL D 211 13.19 3.60 18.46
C VAL D 211 11.69 3.32 18.45
N ASP D 212 11.18 2.79 19.54
CA ASP D 212 9.74 2.65 19.71
C ASP D 212 9.31 3.67 20.74
N LYS D 213 8.37 4.53 20.36
CA LYS D 213 7.95 5.56 21.27
C LYS D 213 6.45 5.49 21.58
N LYS D 214 6.14 5.13 22.82
CA LYS D 214 4.74 5.12 23.25
C LYS D 214 4.20 6.54 23.42
N ILE D 215 2.99 6.77 22.93
CA ILE D 215 2.31 8.06 23.09
C ILE D 215 1.49 8.07 24.39
N VAL D 216 1.89 8.88 25.36
CA VAL D 216 1.24 8.90 26.66
C VAL D 216 0.55 10.24 26.96
N PRO D 217 -0.59 10.20 27.65
CA PRO D 217 -1.32 11.45 27.92
C PRO D 217 -0.53 12.40 28.79
N ARG D 218 -0.80 13.70 28.68
CA ARG D 218 -0.06 14.70 29.46
C ARG D 218 -0.76 15.06 30.77
N ASP E 1 22.81 19.34 -27.23
CA ASP E 1 21.91 18.36 -26.66
C ASP E 1 20.46 18.72 -26.95
N VAL E 2 19.58 17.73 -26.95
CA VAL E 2 18.18 18.01 -27.18
C VAL E 2 17.48 18.36 -25.87
N LEU E 3 16.81 19.51 -25.83
N LEU E 3 16.84 19.52 -25.82
CA LEU E 3 16.08 19.94 -24.65
CA LEU E 3 16.08 19.87 -24.63
C LEU E 3 14.58 19.64 -24.81
C LEU E 3 14.63 19.48 -24.84
N MET E 4 13.96 19.09 -23.77
CA MET E 4 12.55 18.74 -23.84
C MET E 4 11.77 19.72 -22.98
N THR E 5 10.83 20.44 -23.60
CA THR E 5 10.02 21.45 -22.92
C THR E 5 8.61 20.94 -22.72
N GLN E 6 8.26 20.69 -21.48
CA GLN E 6 6.97 20.10 -21.14
C GLN E 6 6.03 21.10 -20.45
N THR E 7 4.78 21.18 -20.96
CA THR E 7 3.75 22.07 -20.41
C THR E 7 2.41 21.33 -20.35
N PRO E 8 1.55 21.69 -19.40
CA PRO E 8 1.75 22.65 -18.31
C PRO E 8 2.58 22.03 -17.19
N LEU E 9 2.94 22.81 -16.17
CA LEU E 9 3.71 22.21 -15.07
C LEU E 9 2.80 21.40 -14.15
N SER E 10 1.55 21.82 -14.05
CA SER E 10 0.58 21.00 -13.32
C SER E 10 -0.76 21.15 -13.99
N LEU E 11 -1.69 20.27 -13.66
CA LEU E 11 -2.92 20.13 -14.43
C LEU E 11 -4.05 19.61 -13.55
N PRO E 12 -4.91 20.52 -13.05
CA PRO E 12 -6.09 20.14 -12.27
C PRO E 12 -7.22 19.71 -13.18
N VAL E 13 -7.73 18.51 -12.96
N VAL E 13 -7.73 18.49 -12.97
CA VAL E 13 -8.80 17.99 -13.77
CA VAL E 13 -8.74 17.87 -13.84
C VAL E 13 -9.78 17.28 -12.86
C VAL E 13 -9.75 17.09 -12.99
N GLY E 14 -11.05 17.28 -13.24
CA GLY E 14 -12.08 16.58 -12.50
C GLY E 14 -12.08 15.11 -12.90
N LEU E 15 -12.50 14.23 -12.00
CA LEU E 15 -12.58 12.81 -12.36
C LEU E 15 -13.50 12.66 -13.56
N GLY E 16 -13.08 11.85 -14.52
CA GLY E 16 -13.89 11.55 -15.69
C GLY E 16 -13.64 12.47 -16.87
N ASP E 17 -12.87 13.55 -16.64
CA ASP E 17 -12.65 14.54 -17.70
C ASP E 17 -11.34 14.28 -18.44
N GLN E 18 -11.13 14.99 -19.54
CA GLN E 18 -9.96 14.72 -20.37
C GLN E 18 -8.77 15.64 -20.05
N ALA E 19 -7.56 15.21 -20.44
CA ALA E 19 -6.36 15.98 -20.19
C ALA E 19 -5.39 15.81 -21.34
N SER E 20 -4.70 16.90 -21.69
CA SER E 20 -3.63 16.86 -22.69
C SER E 20 -2.34 17.42 -22.11
N ILE E 21 -1.24 16.71 -22.31
CA ILE E 21 0.06 17.16 -21.83
C ILE E 21 0.95 17.27 -23.04
N SER E 22 1.68 18.38 -23.14
CA SER E 22 2.42 18.73 -24.35
C SER E 22 3.90 18.63 -24.08
N CYS E 23 4.64 18.32 -25.14
CA CYS E 23 6.06 18.12 -25.07
C CYS E 23 6.66 18.68 -26.37
N ARG E 24 7.69 19.50 -26.26
CA ARG E 24 8.36 20.03 -27.43
C ARG E 24 9.86 19.75 -27.33
N SER E 25 10.46 19.25 -28.41
CA SER E 25 11.92 19.03 -28.42
C SER E 25 12.55 20.22 -29.12
N SER E 26 13.78 20.53 -28.73
CA SER E 26 14.46 21.72 -29.24
C SER E 26 14.97 21.52 -30.66
N GLN E 27 15.05 20.27 -31.09
CA GLN E 27 15.33 19.92 -32.48
C GLN E 27 14.71 18.55 -32.80
N SER E 28 14.81 18.16 -34.07
CA SER E 28 14.30 16.88 -34.55
C SER E 28 14.78 15.70 -33.70
N ILE E 29 13.88 14.77 -33.39
CA ILE E 29 14.27 13.56 -32.63
C ILE E 29 13.91 12.30 -33.41
N VAL E 30 14.03 12.38 -34.72
CA VAL E 30 14.00 11.18 -35.55
C VAL E 30 15.36 10.49 -35.44
N HIS E 31 15.33 9.26 -34.94
CA HIS E 31 16.51 8.39 -34.82
C HIS E 31 17.10 8.04 -36.20
N SER E 32 18.38 7.63 -36.25
CA SER E 32 19.02 7.34 -37.52
CA SER E 32 19.01 7.36 -37.54
C SER E 32 18.35 6.19 -38.27
N ASN E 33 17.62 5.34 -37.54
CA ASN E 33 16.90 4.26 -38.23
C ASN E 33 15.50 4.71 -38.72
N GLY E 34 15.18 5.99 -38.54
CA GLY E 34 13.91 6.50 -39.03
C GLY E 34 12.75 6.48 -38.05
N ASN E 35 12.89 5.78 -36.93
CA ASN E 35 11.87 5.84 -35.87
C ASN E 35 12.06 7.07 -35.00
N THR E 36 11.02 7.40 -34.24
CA THR E 36 11.09 8.49 -33.26
C THR E 36 10.86 7.89 -31.89
N TYR E 37 11.92 7.80 -31.08
CA TYR E 37 11.80 7.18 -29.75
C TYR E 37 11.38 8.19 -28.69
N LEU E 38 10.13 8.65 -28.82
CA LEU E 38 9.49 9.57 -27.89
C LEU E 38 8.58 8.75 -27.00
N GLU E 39 8.81 8.83 -25.69
CA GLU E 39 8.10 8.00 -24.73
C GLU E 39 7.45 8.85 -23.65
N TRP E 40 6.39 8.31 -23.06
CA TRP E 40 5.75 8.94 -21.91
C TRP E 40 5.78 8.01 -20.71
N TYR E 41 6.16 8.57 -19.57
CA TYR E 41 6.23 7.85 -18.30
C TYR E 41 5.30 8.47 -17.25
N LEU E 42 4.78 7.66 -16.34
CA LEU E 42 3.97 8.14 -15.24
C LEU E 42 4.61 7.71 -13.95
N GLN E 43 4.86 8.66 -13.05
CA GLN E 43 5.35 8.29 -11.73
C GLN E 43 4.27 8.57 -10.68
N LYS E 44 3.66 7.52 -10.15
CA LYS E 44 2.65 7.67 -9.12
C LYS E 44 3.32 7.96 -7.78
N PRO E 45 2.59 8.62 -6.85
CA PRO E 45 3.27 9.03 -5.61
C PRO E 45 3.91 7.84 -4.92
N GLY E 46 5.19 8.01 -4.60
CA GLY E 46 5.92 6.99 -3.87
C GLY E 46 6.31 5.77 -4.67
N GLN E 47 6.13 5.81 -5.99
N GLN E 47 6.14 5.83 -5.99
CA GLN E 47 6.51 4.67 -6.83
CA GLN E 47 6.49 4.70 -6.87
C GLN E 47 7.59 5.05 -7.83
C GLN E 47 7.61 5.05 -7.82
N SER E 48 8.13 4.04 -8.52
CA SER E 48 9.08 4.27 -9.61
C SER E 48 8.31 4.73 -10.83
N PRO E 49 8.96 5.40 -11.77
CA PRO E 49 8.28 5.71 -13.02
C PRO E 49 7.82 4.42 -13.74
N LYS E 50 6.73 4.48 -14.50
CA LYS E 50 6.35 3.36 -15.35
C LYS E 50 6.00 3.82 -16.77
N LEU E 51 6.28 2.94 -17.73
CA LEU E 51 6.11 3.25 -19.14
C LEU E 51 4.64 3.23 -19.55
N LEU E 52 4.22 4.25 -20.30
CA LEU E 52 2.86 4.31 -20.82
C LEU E 52 2.86 4.13 -22.33
N ILE E 53 3.65 4.97 -23.00
CA ILE E 53 3.57 5.13 -24.44
C ILE E 53 4.97 5.11 -25.01
N TYR E 54 5.18 4.40 -26.12
CA TYR E 54 6.51 4.43 -26.75
C TYR E 54 6.40 4.68 -28.25
N LYS E 55 7.51 5.07 -28.88
CA LYS E 55 7.52 5.49 -30.30
C LYS E 55 6.31 6.36 -30.65
N VAL E 56 6.16 7.41 -29.86
CA VAL E 56 5.16 8.47 -30.03
C VAL E 56 3.72 8.04 -29.70
N SER E 57 3.29 6.90 -30.26
CA SER E 57 1.86 6.59 -30.26
C SER E 57 1.50 5.16 -29.88
N ASN E 58 2.47 4.35 -29.42
CA ASN E 58 2.14 2.96 -29.10
C ASN E 58 1.97 2.77 -27.59
N ARG E 59 0.82 2.24 -27.17
CA ARG E 59 0.59 1.86 -25.78
CA ARG E 59 0.64 1.89 -25.76
C ARG E 59 1.44 0.64 -25.41
N PHE E 60 2.16 0.71 -24.30
CA PHE E 60 2.82 -0.47 -23.76
C PHE E 60 1.73 -1.44 -23.29
N SER E 61 2.01 -2.74 -23.35
N SER E 61 2.01 -2.74 -23.35
CA SER E 61 1.03 -3.76 -22.97
CA SER E 61 1.02 -3.74 -22.98
C SER E 61 0.58 -3.55 -21.53
C SER E 61 0.58 -3.52 -21.53
N GLY E 62 -0.72 -3.64 -21.28
CA GLY E 62 -1.25 -3.44 -19.94
C GLY E 62 -1.70 -2.03 -19.63
N VAL E 63 -1.34 -1.08 -20.50
CA VAL E 63 -1.70 0.32 -20.27
C VAL E 63 -3.11 0.54 -20.84
N PRO E 64 -4.01 1.18 -20.07
CA PRO E 64 -5.41 1.38 -20.46
C PRO E 64 -5.56 2.19 -21.75
N ASP E 65 -6.62 1.98 -22.53
CA ASP E 65 -6.72 2.66 -23.82
C ASP E 65 -7.11 4.11 -23.65
N ARG E 66 -7.39 4.51 -22.41
CA ARG E 66 -7.63 5.93 -22.09
C ARG E 66 -6.42 6.79 -22.37
N PHE E 67 -5.23 6.18 -22.42
CA PHE E 67 -3.99 6.93 -22.75
C PHE E 67 -3.63 6.83 -24.20
N SER E 68 -3.31 7.97 -24.84
CA SER E 68 -2.89 7.93 -26.23
C SER E 68 -1.85 9.00 -26.52
N GLY E 69 -1.06 8.76 -27.55
CA GLY E 69 0.09 9.58 -27.86
C GLY E 69 -0.01 10.01 -29.30
N SER E 70 0.41 11.24 -29.59
CA SER E 70 0.50 11.69 -30.98
C SER E 70 1.65 12.66 -31.14
N GLY E 71 1.96 12.99 -32.38
CA GLY E 71 2.88 14.06 -32.62
C GLY E 71 3.78 13.73 -33.77
N SER E 72 4.56 14.72 -34.18
CA SER E 72 5.62 14.46 -35.15
C SER E 72 6.65 15.56 -35.12
N GLY E 73 7.91 15.17 -35.32
CA GLY E 73 8.95 16.13 -35.53
C GLY E 73 9.47 16.65 -34.22
N THR E 74 8.90 17.77 -33.77
CA THR E 74 9.32 18.35 -32.50
C THR E 74 8.19 18.58 -31.52
N ASP E 75 6.94 18.35 -31.95
N ASP E 75 6.99 18.16 -31.91
CA ASP E 75 5.79 18.59 -31.06
CA ASP E 75 5.78 18.49 -31.19
C ASP E 75 4.99 17.30 -30.82
C ASP E 75 4.98 17.24 -30.84
N PHE E 76 4.78 16.99 -29.54
CA PHE E 76 4.13 15.76 -29.11
C PHE E 76 3.12 16.01 -27.99
N THR E 77 2.11 15.15 -27.91
CA THR E 77 1.00 15.35 -27.00
C THR E 77 0.56 14.00 -26.41
N LEU E 78 0.50 13.94 -25.06
CA LEU E 78 -0.15 12.82 -24.38
C LEU E 78 -1.60 13.21 -24.07
N LYS E 79 -2.54 12.38 -24.49
CA LYS E 79 -3.96 12.60 -24.21
C LYS E 79 -4.49 11.54 -23.22
N ILE E 80 -5.25 11.98 -22.22
CA ILE E 80 -5.99 11.05 -21.35
C ILE E 80 -7.47 11.32 -21.55
N SER E 81 -8.20 10.32 -22.03
CA SER E 81 -9.55 10.58 -22.53
C SER E 81 -10.50 10.85 -21.37
N ARG E 82 -10.23 10.19 -20.25
CA ARG E 82 -11.02 10.39 -19.05
C ARG E 82 -10.17 9.97 -17.87
N VAL E 83 -10.01 10.90 -16.94
CA VAL E 83 -9.07 10.74 -15.85
C VAL E 83 -9.71 9.96 -14.70
N GLU E 84 -8.95 9.00 -14.18
CA GLU E 84 -9.34 8.21 -13.01
C GLU E 84 -8.40 8.56 -11.84
N ALA E 85 -8.85 8.32 -10.61
CA ALA E 85 -8.08 8.67 -9.42
C ALA E 85 -6.69 8.03 -9.46
N GLU E 86 -6.62 6.81 -9.97
CA GLU E 86 -5.37 6.07 -10.05
C GLU E 86 -4.35 6.75 -10.97
N ASP E 87 -4.82 7.65 -11.83
CA ASP E 87 -3.92 8.38 -12.77
C ASP E 87 -3.09 9.49 -12.11
N LEU E 88 -3.36 9.78 -10.83
CA LEU E 88 -2.59 10.79 -10.09
C LEU E 88 -1.09 10.59 -10.15
N GLY E 89 -0.34 11.65 -10.41
CA GLY E 89 1.11 11.55 -10.35
C GLY E 89 1.76 12.55 -11.27
N VAL E 90 3.04 12.32 -11.54
CA VAL E 90 3.80 13.19 -12.44
C VAL E 90 4.09 12.45 -13.73
N TYR E 91 3.72 13.08 -14.84
CA TYR E 91 3.93 12.56 -16.17
C TYR E 91 5.20 13.17 -16.76
N TYR E 92 6.04 12.37 -17.39
CA TYR E 92 7.26 12.85 -18.05
C TYR E 92 7.34 12.41 -19.53
N CYS E 93 7.67 13.32 -20.45
CA CYS E 93 8.09 12.85 -21.75
C CYS E 93 9.60 12.56 -21.77
N PHE E 94 10.04 11.78 -22.75
CA PHE E 94 11.46 11.39 -22.86
C PHE E 94 11.84 11.18 -24.31
N GLN E 95 13.01 11.66 -24.74
CA GLN E 95 13.49 11.29 -26.07
C GLN E 95 14.70 10.36 -25.98
N GLY E 96 14.61 9.20 -26.63
CA GLY E 96 15.71 8.26 -26.69
C GLY E 96 16.34 8.17 -28.08
N SER E 97 16.21 9.23 -28.85
CA SER E 97 16.70 9.23 -30.23
C SER E 97 18.16 9.65 -30.37
N HIS E 98 18.57 10.68 -29.61
CA HIS E 98 19.89 11.30 -29.71
C HIS E 98 20.51 11.39 -28.33
N ALA E 99 21.69 10.78 -28.17
CA ALA E 99 22.39 10.85 -26.90
C ALA E 99 23.06 12.23 -26.76
N PRO E 100 23.05 12.83 -25.55
CA PRO E 100 22.47 12.30 -24.31
C PRO E 100 20.95 12.38 -24.35
N TYR E 101 20.32 11.29 -23.91
CA TYR E 101 18.88 11.19 -23.84
C TYR E 101 18.36 12.12 -22.76
N THR E 102 17.17 12.66 -22.96
CA THR E 102 16.71 13.74 -22.11
C THR E 102 15.22 13.61 -21.80
N PHE E 103 14.85 13.97 -20.58
CA PHE E 103 13.46 13.97 -20.09
C PHE E 103 12.88 15.38 -20.06
N GLY E 104 11.59 15.53 -20.33
CA GLY E 104 10.97 16.81 -19.98
C GLY E 104 10.90 16.96 -18.47
N GLY E 105 10.51 18.17 -18.02
CA GLY E 105 10.52 18.52 -16.61
C GLY E 105 9.36 17.97 -15.79
N GLY E 106 8.39 17.34 -16.46
CA GLY E 106 7.28 16.71 -15.78
C GLY E 106 6.03 17.57 -15.77
N THR E 107 4.88 16.93 -15.60
CA THR E 107 3.59 17.58 -15.43
C THR E 107 2.84 16.88 -14.30
N LYS E 108 2.51 17.59 -13.23
CA LYS E 108 1.82 16.94 -12.13
C LYS E 108 0.32 17.00 -12.33
N LEU E 109 -0.28 15.83 -12.48
N LEU E 109 -0.28 15.83 -12.46
CA LEU E 109 -1.71 15.71 -12.63
CA LEU E 109 -1.72 15.72 -12.65
C LEU E 109 -2.35 15.76 -11.25
C LEU E 109 -2.39 15.71 -11.29
N GLU E 110 -3.33 16.63 -11.08
CA GLU E 110 -4.00 16.74 -9.79
C GLU E 110 -5.50 16.62 -10.00
N ILE E 111 -6.20 16.05 -9.02
CA ILE E 111 -7.65 15.89 -9.12
C ILE E 111 -8.34 17.11 -8.60
N LYS E 112 -9.24 17.68 -9.40
CA LYS E 112 -10.08 18.75 -8.92
C LYS E 112 -11.29 18.12 -8.22
N ARG E 113 -11.21 18.06 -6.89
CA ARG E 113 -12.21 17.39 -6.06
C ARG E 113 -13.56 18.06 -6.21
N ALA E 114 -14.62 17.26 -6.24
CA ALA E 114 -15.98 17.77 -6.46
C ALA E 114 -16.49 18.61 -5.28
N ALA E 115 -15.98 18.33 -4.09
CA ALA E 115 -16.37 19.06 -2.88
C ALA E 115 -15.15 19.54 -2.07
N ASP E 116 -15.26 20.69 -1.41
CA ASP E 116 -14.17 21.19 -0.55
C ASP E 116 -14.13 20.47 0.79
N ALA E 117 -13.00 20.55 1.48
CA ALA E 117 -12.92 19.96 2.82
C ALA E 117 -12.08 20.84 3.75
N ALA E 118 -12.63 21.20 4.89
CA ALA E 118 -11.90 22.02 5.87
C ALA E 118 -10.81 21.18 6.54
N PRO E 119 -9.66 21.81 6.85
CA PRO E 119 -8.60 21.02 7.51
C PRO E 119 -8.98 20.61 8.91
N THR E 120 -8.59 19.41 9.33
CA THR E 120 -8.62 19.02 10.73
C THR E 120 -7.33 19.48 11.39
N VAL E 121 -7.42 20.45 12.29
CA VAL E 121 -6.20 21.06 12.84
C VAL E 121 -5.96 20.56 14.27
N SER E 122 -4.70 20.19 14.54
CA SER E 122 -4.26 19.72 15.86
C SER E 122 -2.93 20.36 16.22
N ILE E 123 -2.78 20.78 17.48
CA ILE E 123 -1.53 21.36 17.94
C ILE E 123 -0.98 20.53 19.11
N PHE E 124 0.34 20.37 19.16
CA PHE E 124 1.00 19.53 20.16
C PHE E 124 2.14 20.25 20.90
N PRO E 125 2.07 20.25 22.22
CA PRO E 125 3.16 20.84 23.04
C PRO E 125 4.40 19.98 23.00
N PRO E 126 5.56 20.55 23.36
CA PRO E 126 6.80 19.78 23.52
C PRO E 126 6.61 18.70 24.56
N SER E 127 7.22 17.54 24.34
CA SER E 127 7.24 16.45 25.32
C SER E 127 8.15 16.79 26.48
N SER E 128 7.88 16.27 27.66
CA SER E 128 8.78 16.53 28.79
C SER E 128 10.18 15.95 28.51
N GLU E 129 10.22 14.83 27.78
CA GLU E 129 11.50 14.25 27.40
C GLU E 129 12.33 15.23 26.54
N GLN E 130 11.72 15.89 25.56
CA GLN E 130 12.52 16.81 24.74
C GLN E 130 13.00 18.03 25.57
N LEU E 131 12.12 18.53 26.42
CA LEU E 131 12.46 19.64 27.31
C LEU E 131 13.69 19.35 28.19
N THR E 132 13.74 18.13 28.70
N THR E 132 13.77 18.15 28.74
CA THR E 132 14.82 17.74 29.58
CA THR E 132 14.89 17.86 29.64
C THR E 132 16.13 17.79 28.83
C THR E 132 16.17 17.54 28.85
N SER E 133 16.08 17.50 27.52
CA SER E 133 17.29 17.48 26.71
C SER E 133 17.63 18.90 26.24
N GLY E 134 16.75 19.85 26.51
CA GLY E 134 17.03 21.26 26.26
C GLY E 134 16.30 21.90 25.08
N GLY E 135 15.46 21.14 24.39
CA GLY E 135 14.74 21.64 23.23
C GLY E 135 13.24 21.76 23.44
N ALA E 136 12.55 22.48 22.55
CA ALA E 136 11.11 22.57 22.62
C ALA E 136 10.51 22.73 21.23
N SER E 137 9.96 21.64 20.69
CA SER E 137 9.32 21.69 19.40
C SER E 137 7.82 21.65 19.57
N VAL E 138 7.15 22.53 18.85
CA VAL E 138 5.71 22.60 18.88
C VAL E 138 5.23 22.20 17.50
N VAL E 139 4.26 21.29 17.42
CA VAL E 139 3.87 20.77 16.13
C VAL E 139 2.39 20.99 15.85
N CYS E 140 2.06 21.30 14.60
CA CYS E 140 0.69 21.45 14.17
C CYS E 140 0.41 20.60 12.93
N PHE E 141 -0.61 19.76 12.98
CA PHE E 141 -1.04 19.04 11.77
C PHE E 141 -2.27 19.70 11.19
N LEU E 142 -2.32 19.82 9.86
CA LEU E 142 -3.52 20.30 9.19
C LEU E 142 -3.87 19.28 8.14
N ASN E 143 -4.82 18.41 8.46
CA ASN E 143 -5.03 17.16 7.72
C ASN E 143 -6.29 17.16 6.87
N ASN E 144 -6.16 16.57 5.68
CA ASN E 144 -7.30 16.21 4.84
C ASN E 144 -8.14 17.41 4.42
N PHE E 145 -7.52 18.34 3.71
CA PHE E 145 -8.23 19.51 3.25
C PHE E 145 -8.19 19.66 1.73
N TYR E 146 -9.16 20.42 1.23
CA TYR E 146 -9.28 20.74 -0.18
C TYR E 146 -10.10 22.04 -0.31
N PRO E 147 -9.64 22.98 -1.16
CA PRO E 147 -8.50 22.92 -2.09
C PRO E 147 -7.13 23.07 -1.41
N LYS E 148 -6.06 23.03 -2.19
CA LYS E 148 -4.73 23.00 -1.59
C LYS E 148 -4.31 24.36 -1.00
N ASP E 149 -4.97 25.45 -1.40
CA ASP E 149 -4.60 26.81 -0.94
C ASP E 149 -4.86 26.98 0.55
N ILE E 150 -3.81 27.29 1.33
CA ILE E 150 -3.98 27.40 2.77
C ILE E 150 -2.89 28.30 3.35
N ASN E 151 -3.28 29.15 4.30
CA ASN E 151 -2.29 29.98 4.98
C ASN E 151 -2.11 29.51 6.43
N VAL E 152 -0.87 29.34 6.87
CA VAL E 152 -0.62 28.84 8.23
C VAL E 152 0.35 29.76 8.96
N LYS E 153 -0.03 30.26 10.13
CA LYS E 153 0.94 31.04 10.89
C LYS E 153 1.02 30.57 12.34
N TRP E 154 2.21 30.76 12.93
CA TRP E 154 2.47 30.53 14.34
C TRP E 154 2.42 31.83 15.12
N LYS E 155 1.75 31.82 16.26
CA LYS E 155 1.78 32.95 17.16
C LYS E 155 2.20 32.49 18.52
N ILE E 156 3.11 33.27 19.11
CA ILE E 156 3.54 33.08 20.48
C ILE E 156 3.04 34.27 21.31
N ASP E 157 2.21 34.03 22.33
CA ASP E 157 1.57 35.13 23.07
C ASP E 157 1.01 36.16 22.10
N GLY E 158 0.49 35.67 20.99
CA GLY E 158 -0.22 36.53 20.06
C GLY E 158 0.60 37.20 18.99
N SER E 159 1.93 37.12 19.08
CA SER E 159 2.82 37.65 18.06
C SER E 159 3.27 36.58 17.06
N GLU E 160 3.15 36.88 15.77
CA GLU E 160 3.59 35.95 14.74
C GLU E 160 5.05 35.60 14.88
N ARG E 161 5.38 34.33 14.78
CA ARG E 161 6.79 33.95 14.81
C ARG E 161 7.23 33.37 13.48
N GLN E 162 8.37 33.82 13.00
CA GLN E 162 8.86 33.37 11.69
C GLN E 162 10.02 32.41 11.81
N ASN E 163 10.90 32.66 12.76
CA ASN E 163 12.13 31.89 12.88
C ASN E 163 11.94 30.53 13.53
N GLY E 164 12.62 29.53 12.98
CA GLY E 164 12.60 28.18 13.51
C GLY E 164 11.37 27.40 13.09
N VAL E 165 10.78 27.75 11.95
CA VAL E 165 9.59 27.04 11.47
C VAL E 165 9.93 26.13 10.29
N LEU E 166 9.51 24.87 10.35
CA LEU E 166 9.66 23.98 9.20
C LEU E 166 8.28 23.44 8.77
N ASN E 167 8.01 23.47 7.46
CA ASN E 167 6.72 23.05 6.91
C ASN E 167 6.88 21.89 5.96
N SER E 168 5.99 20.91 6.07
CA SER E 168 6.06 19.76 5.18
C SER E 168 4.68 19.54 4.58
N TRP E 169 4.65 18.94 3.41
CA TRP E 169 3.44 18.93 2.58
C TRP E 169 3.21 17.55 1.95
N THR E 170 1.98 17.05 1.94
CA THR E 170 1.71 15.89 1.10
C THR E 170 0.67 16.22 0.04
N ASP E 171 0.92 15.75 -1.17
CA ASP E 171 -0.06 15.87 -2.24
C ASP E 171 -1.12 14.75 -2.21
N GLN E 172 -2.00 14.77 -3.19
CA GLN E 172 -3.05 13.78 -3.33
C GLN E 172 -2.47 12.40 -3.64
N ASP E 173 -3.22 11.36 -3.32
CA ASP E 173 -2.90 9.99 -3.79
C ASP E 173 -4.20 9.30 -4.24
N SER E 174 -4.08 8.15 -4.90
CA SER E 174 -5.23 7.49 -5.52
C SER E 174 -6.36 7.22 -4.53
N LYS E 175 -6.02 7.07 -3.25
CA LYS E 175 -7.04 6.73 -2.26
C LYS E 175 -7.56 7.98 -1.58
N ASP E 176 -6.96 9.12 -1.89
CA ASP E 176 -7.25 10.36 -1.17
C ASP E 176 -7.16 11.59 -2.08
N SER E 177 -8.28 12.31 -2.16
N SER E 177 -8.25 12.34 -2.29
CA SER E 177 -8.48 13.50 -2.97
CA SER E 177 -8.17 13.55 -3.12
C SER E 177 -8.04 14.78 -2.25
C SER E 177 -7.93 14.83 -2.28
N THR E 178 -7.69 14.66 -0.98
CA THR E 178 -7.34 15.81 -0.15
C THR E 178 -5.83 15.94 0.05
N TYR E 179 -5.42 17.06 0.65
CA TYR E 179 -4.04 17.38 0.96
C TYR E 179 -3.85 17.40 2.48
N SER E 180 -2.62 17.25 2.95
CA SER E 180 -2.33 17.44 4.37
C SER E 180 -1.01 18.17 4.54
N MET E 181 -0.85 18.81 5.69
CA MET E 181 0.28 19.65 5.96
C MET E 181 0.73 19.48 7.42
N SER E 182 2.02 19.64 7.63
CA SER E 182 2.57 19.64 8.97
C SER E 182 3.49 20.85 9.14
N SER E 183 3.42 21.51 10.29
CA SER E 183 4.35 22.59 10.61
C SER E 183 4.98 22.37 11.98
N THR E 184 6.28 22.60 12.08
CA THR E 184 6.98 22.41 13.33
C THR E 184 7.76 23.67 13.71
N LEU E 185 7.50 24.18 14.91
CA LEU E 185 8.20 25.32 15.47
C LEU E 185 9.16 24.85 16.54
N THR E 186 10.47 25.10 16.40
CA THR E 186 11.43 24.68 17.42
C THR E 186 12.10 25.87 18.08
N LEU E 187 12.04 25.87 19.41
CA LEU E 187 12.76 26.83 20.24
C LEU E 187 13.67 26.09 21.18
N THR E 188 14.48 26.83 21.93
CA THR E 188 15.16 26.26 23.09
C THR E 188 14.17 26.09 24.22
N LYS E 189 14.52 25.28 25.22
CA LYS E 189 13.66 25.14 26.38
C LYS E 189 13.45 26.47 27.10
N ASP E 190 14.54 27.21 27.29
CA ASP E 190 14.48 28.46 28.05
C ASP E 190 13.57 29.48 27.37
N GLU E 191 13.71 29.62 26.04
CA GLU E 191 12.82 30.47 25.26
C GLU E 191 11.35 30.00 25.33
N TYR E 192 11.12 28.71 25.19
CA TYR E 192 9.78 28.16 25.33
C TYR E 192 9.13 28.57 26.66
N GLU E 193 9.90 28.52 27.73
CA GLU E 193 9.39 28.87 29.05
C GLU E 193 9.25 30.39 29.37
N ARG E 194 9.59 31.22 28.39
N ARG E 194 9.58 31.24 28.40
CA ARG E 194 9.41 32.67 28.49
CA ARG E 194 9.37 32.69 28.56
C ARG E 194 8.01 33.13 28.03
C ARG E 194 8.00 33.14 28.02
N HIS E 195 7.22 32.21 27.51
CA HIS E 195 5.96 32.57 26.90
C HIS E 195 4.84 31.68 27.37
N ASN E 196 3.62 32.14 27.22
CA ASN E 196 2.49 31.41 27.78
C ASN E 196 1.69 30.64 26.74
N SER E 197 1.25 31.33 25.70
CA SER E 197 0.32 30.73 24.76
CA SER E 197 0.32 30.73 24.76
C SER E 197 0.96 30.47 23.41
N TYR E 198 0.68 29.29 22.85
CA TYR E 198 1.21 28.88 21.53
C TYR E 198 0.06 28.52 20.62
N THR E 199 0.05 29.10 19.43
CA THR E 199 -1.11 29.05 18.57
C THR E 199 -0.74 28.69 17.12
N CYS E 200 -1.49 27.75 16.56
CA CYS E 200 -1.44 27.42 15.14
C CYS E 200 -2.72 27.94 14.51
N GLU E 201 -2.60 28.84 13.54
CA GLU E 201 -3.77 29.52 12.94
C GLU E 201 -3.79 29.36 11.42
N ALA E 202 -4.87 28.78 10.90
CA ALA E 202 -4.96 28.46 9.48
C ALA E 202 -6.09 29.22 8.80
N THR E 203 -5.81 29.72 7.60
CA THR E 203 -6.84 30.37 6.79
C THR E 203 -7.09 29.51 5.57
N HIS E 204 -8.34 29.16 5.33
CA HIS E 204 -8.66 28.26 4.23
C HIS E 204 -10.00 28.68 3.65
N LYS E 205 -10.21 28.37 2.39
CA LYS E 205 -11.43 28.74 1.66
C LYS E 205 -12.71 28.32 2.39
N THR E 206 -12.68 27.14 3.01
CA THR E 206 -13.86 26.58 3.66
C THR E 206 -14.43 27.43 4.81
N SER E 207 -13.64 28.36 5.35
CA SER E 207 -14.17 29.22 6.40
C SER E 207 -13.73 30.65 6.25
N THR E 208 -14.62 31.56 6.65
CA THR E 208 -14.38 32.97 6.55
C THR E 208 -13.51 33.49 7.70
N SER E 209 -13.50 32.77 8.81
CA SER E 209 -12.64 33.12 9.93
C SER E 209 -11.54 32.07 10.08
N PRO E 210 -10.39 32.46 10.64
CA PRO E 210 -9.29 31.51 10.72
C PRO E 210 -9.60 30.36 11.69
N ILE E 211 -9.10 29.17 11.37
CA ILE E 211 -9.14 28.05 12.29
C ILE E 211 -7.98 28.21 13.26
N VAL E 212 -8.28 28.28 14.55
CA VAL E 212 -7.26 28.58 15.55
C VAL E 212 -7.16 27.46 16.58
N LYS E 213 -6.00 26.85 16.73
CA LYS E 213 -5.81 25.88 17.80
C LYS E 213 -4.66 26.37 18.67
N SER E 214 -4.84 26.29 19.98
N SER E 214 -4.82 26.30 19.98
CA SER E 214 -3.87 26.83 20.93
CA SER E 214 -3.84 26.83 20.91
C SER E 214 -3.66 25.88 22.12
C SER E 214 -3.74 26.05 22.21
N PHE E 215 -2.57 26.06 22.84
CA PHE E 215 -2.44 25.53 24.18
C PHE E 215 -1.71 26.59 25.00
N ASN E 216 -1.90 26.52 26.32
N ASN E 216 -1.93 26.52 26.31
CA ASN E 216 -1.22 27.39 27.24
CA ASN E 216 -1.22 27.35 27.26
C ASN E 216 -0.21 26.59 28.05
C ASN E 216 -0.16 26.51 27.96
N ARG E 217 1.04 27.06 28.11
CA ARG E 217 2.10 26.33 28.80
C ARG E 217 1.73 26.09 30.29
N ASN E 218 0.99 27.03 30.88
CA ASN E 218 0.48 26.97 32.26
C ASN E 218 1.12 25.92 33.19
N PHE F 1 24.07 5.92 -38.14
CA PHE F 1 24.40 4.56 -37.72
C PHE F 1 25.63 4.58 -36.82
N ASP F 2 25.54 3.90 -35.68
CA ASP F 2 26.68 3.73 -34.78
C ASP F 2 26.77 2.25 -34.42
N SER F 3 27.89 1.63 -34.80
CA SER F 3 28.07 0.20 -34.59
C SER F 3 28.12 -0.08 -33.10
N ALA F 4 28.41 0.95 -32.31
CA ALA F 4 28.54 0.78 -30.87
C ALA F 4 27.31 1.26 -30.10
N GLU F 5 26.20 1.54 -30.79
CA GLU F 5 25.00 1.94 -30.07
C GLU F 5 24.59 0.80 -29.13
N PRO F 6 24.29 1.12 -27.86
CA PRO F 6 24.13 0.05 -26.86
C PRO F 6 22.81 -0.72 -26.93
N TRP F 7 21.74 -0.17 -27.50
CA TRP F 7 20.45 -0.87 -27.46
C TRP F 7 20.53 -2.22 -28.18
N THR F 8 20.08 -3.27 -27.51
CA THR F 8 20.19 -4.62 -28.07
C THR F 8 18.90 -5.02 -28.81
N VAL F 9 17.73 -4.83 -28.20
CA VAL F 9 16.47 -5.15 -28.88
C VAL F 9 15.64 -3.91 -29.20
N ARG F 10 15.93 -2.79 -28.54
CA ARG F 10 15.02 -1.64 -28.64
C ARG F 10 14.83 -1.16 -30.07
N ASN F 11 15.95 -1.11 -30.82
CA ASN F 11 15.88 -0.53 -32.16
C ASN F 11 15.41 -1.58 -33.19
N GLU F 12 15.02 -2.76 -32.74
CA GLU F 12 14.55 -3.78 -33.67
C GLU F 12 13.03 -3.78 -33.73
N ASP F 13 12.48 -3.90 -34.93
CA ASP F 13 11.03 -3.95 -35.09
C ASP F 13 10.60 -5.37 -35.42
#